data_5Q0A
#
_entry.id   5Q0A
#
_cell.length_a   68.611
_cell.length_b   84.335
_cell.length_c   279.525
_cell.angle_alpha   90.000
_cell.angle_beta   90.000
_cell.angle_gamma   90.000
#
_symmetry.space_group_name_H-M   'P 21 21 21'
#
loop_
_entity.id
_entity.type
_entity.pdbx_description
1 polymer 'Fructose-1,6-bisphosphatase 1'
2 non-polymer N-[(5-cyanopyrazin-2-yl)carbamoyl]-3-(difluoromethoxy)benzene-1-sulfonamide
3 water water
#
_entity_poly.entity_id   1
_entity_poly.type   'polypeptide(L)'
_entity_poly.pdbx_seq_one_letter_code
;MADQAPFDTDVNTLTRFVMEEGRKARGTGELTQLLNSLCTAVKAISSAVRKAGIAHLYGIAGSTNVTGDQVKKLDVLSND
LVMNMLKSSFATCVLVSEEDKHAIIVEPEKRGKYVVCFDPLDGSSNIDCLVSVGTIFGIYRKKSTDEPSEKDALQPGRNL
VAAGYALYGSATMLVLAMDCGVNCFMLDPAIGEFILVDKDVKIKKKGKIYSLNEGYAKDFDPAVTEYIQRKKFPPDNSAP
YGARYVGSMVADVHRTLVYGGIFLYPANKKSPNGKLRLLYECNPMAYVMEKAGGMATTGKEAVLDVIPTDIHQRAPVILG
SPDDVLEFLKVYEKHSAQ
;
_entity_poly.pdbx_strand_id   A,B,C,D
#
# COMPACT_ATOMS: atom_id res chain seq x y z
N ASP A 10 16.63 -19.83 -0.77
CA ASP A 10 15.56 -20.13 -1.71
C ASP A 10 14.22 -19.68 -1.10
N VAL A 11 13.63 -18.62 -1.66
CA VAL A 11 12.46 -17.97 -1.07
C VAL A 11 11.24 -18.89 -1.10
N ASN A 12 10.42 -18.79 -0.06
CA ASN A 12 9.23 -19.62 0.01
C ASN A 12 8.07 -18.80 0.56
N THR A 13 6.92 -18.96 -0.09
CA THR A 13 5.70 -18.23 0.22
C THR A 13 4.69 -19.19 0.84
N LEU A 14 3.67 -18.62 1.48
CA LEU A 14 2.60 -19.44 2.03
C LEU A 14 1.88 -20.24 0.95
N THR A 15 1.54 -19.60 -0.17
CA THR A 15 0.87 -20.31 -1.25
C THR A 15 1.70 -21.52 -1.71
N ARG A 16 3.00 -21.33 -1.93
CA ARG A 16 3.83 -22.44 -2.39
C ARG A 16 3.94 -23.53 -1.33
N PHE A 17 4.20 -23.11 -0.08
CA PHE A 17 4.37 -24.03 1.04
C PHE A 17 3.14 -24.91 1.23
N VAL A 18 1.96 -24.29 1.29
CA VAL A 18 0.72 -25.04 1.51
C VAL A 18 0.51 -26.04 0.37
N MET A 19 0.76 -25.62 -0.87
CA MET A 19 0.58 -26.50 -2.02
C MET A 19 1.58 -27.65 -1.98
N GLU A 20 2.83 -27.38 -1.62
CA GLU A 20 3.80 -28.47 -1.53
C GLU A 20 3.40 -29.49 -0.47
N GLU A 21 2.83 -29.04 0.65
CA GLU A 21 2.39 -30.01 1.66
C GLU A 21 1.31 -30.92 1.10
N GLY A 22 0.38 -30.37 0.31
CA GLY A 22 -0.65 -31.20 -0.29
C GLY A 22 -0.12 -32.19 -1.31
N ARG A 23 0.85 -31.77 -2.14
CA ARG A 23 1.44 -32.69 -3.11
C ARG A 23 2.09 -33.88 -2.42
N LYS A 24 2.86 -33.62 -1.36
CA LYS A 24 3.48 -34.70 -0.61
C LYS A 24 2.44 -35.70 -0.12
N ALA A 25 1.29 -35.22 0.31
CA ALA A 25 0.29 -36.08 0.95
C ALA A 25 -0.67 -36.73 -0.04
N ARG A 26 -0.88 -36.14 -1.21
CA ARG A 26 -1.80 -36.64 -2.22
C ARG A 26 -3.22 -36.73 -1.67
N GLY A 27 -3.66 -35.66 -1.00
CA GLY A 27 -5.01 -35.56 -0.50
C GLY A 27 -5.99 -35.03 -1.53
N THR A 28 -7.24 -34.84 -1.09
CA THR A 28 -8.31 -34.40 -1.99
C THR A 28 -8.19 -32.94 -2.38
N GLY A 29 -7.33 -32.18 -1.71
CA GLY A 29 -7.12 -30.78 -2.01
C GLY A 29 -7.94 -29.81 -1.22
N GLU A 30 -8.95 -30.28 -0.49
CA GLU A 30 -9.84 -29.38 0.23
C GLU A 30 -9.09 -28.58 1.29
N LEU A 31 -8.17 -29.23 2.01
CA LEU A 31 -7.43 -28.53 3.07
C LEU A 31 -6.58 -27.41 2.49
N THR A 32 -6.00 -27.64 1.29
CA THR A 32 -5.20 -26.62 0.61
C THR A 32 -6.06 -25.42 0.23
N GLN A 33 -7.26 -25.67 -0.30
CA GLN A 33 -8.13 -24.55 -0.64
C GLN A 33 -8.57 -23.83 0.63
N LEU A 34 -8.78 -24.60 1.71
CA LEU A 34 -9.13 -24.02 3.00
C LEU A 34 -8.09 -23.00 3.44
N LEU A 35 -6.82 -23.39 3.44
CA LEU A 35 -5.79 -22.45 3.88
C LEU A 35 -5.63 -21.29 2.89
N ASN A 36 -5.80 -21.53 1.59
CA ASN A 36 -5.74 -20.43 0.63
C ASN A 36 -6.83 -19.41 0.92
N SER A 37 -8.06 -19.88 1.18
CA SER A 37 -9.13 -18.94 1.55
C SER A 37 -8.79 -18.20 2.83
N LEU A 38 -8.23 -18.92 3.81
CA LEU A 38 -7.91 -18.30 5.10
C LEU A 38 -6.85 -17.22 4.93
N CYS A 39 -5.83 -17.51 4.11
CA CYS A 39 -4.76 -16.55 3.82
C CYS A 39 -5.34 -15.26 3.25
N THR A 40 -6.22 -15.36 2.25
CA THR A 40 -6.84 -14.19 1.66
C THR A 40 -7.61 -13.39 2.71
N ALA A 41 -8.32 -14.08 3.61
CA ALA A 41 -9.09 -13.37 4.63
C ALA A 41 -8.19 -12.60 5.58
N VAL A 42 -7.06 -13.20 5.95
CA VAL A 42 -6.10 -12.56 6.84
C VAL A 42 -5.49 -11.32 6.20
N LYS A 43 -5.17 -11.39 4.90
CA LYS A 43 -4.62 -10.20 4.25
C LYS A 43 -5.64 -9.06 4.23
N ALA A 44 -6.93 -9.39 4.08
CA ALA A 44 -7.97 -8.37 4.09
C ALA A 44 -8.22 -7.83 5.48
N ILE A 45 -8.08 -8.66 6.51
CA ILE A 45 -8.24 -8.17 7.88
C ILE A 45 -7.13 -7.19 8.22
N SER A 46 -5.88 -7.55 7.90
CA SER A 46 -4.74 -6.67 8.13
C SER A 46 -4.92 -5.30 7.46
N SER A 47 -5.35 -5.29 6.20
CA SER A 47 -5.53 -4.01 5.51
C SER A 47 -6.55 -3.12 6.23
N ALA A 48 -7.65 -3.72 6.71
CA ALA A 48 -8.66 -2.99 7.48
C ALA A 48 -8.19 -2.69 8.92
N VAL A 49 -7.47 -3.61 9.56
CA VAL A 49 -6.97 -3.31 10.90
C VAL A 49 -6.00 -2.14 10.86
N ARG A 50 -5.23 -2.02 9.77
CA ARG A 50 -4.29 -0.89 9.61
C ARG A 50 -4.99 0.41 9.18
N LYS A 51 -6.32 0.39 9.02
CA LYS A 51 -7.17 1.55 8.76
C LYS A 51 -7.02 2.09 7.33
N ALA A 52 -6.65 1.24 6.38
CA ALA A 52 -6.73 1.65 4.98
C ALA A 52 -8.16 2.06 4.66
N GLY A 53 -8.34 3.27 4.13
CA GLY A 53 -9.64 3.80 3.83
C GLY A 53 -10.28 4.61 4.95
N ILE A 54 -9.60 4.77 6.09
CA ILE A 54 -10.20 5.55 7.16
C ILE A 54 -10.49 6.97 6.71
N ALA A 55 -9.76 7.49 5.72
CA ALA A 55 -10.01 8.84 5.27
C ALA A 55 -11.43 9.00 4.72
N HIS A 56 -12.00 7.93 4.16
CA HIS A 56 -13.36 8.05 3.65
C HIS A 56 -14.37 8.16 4.78
N LEU A 57 -14.16 7.45 5.89
CA LEU A 57 -15.05 7.59 7.03
C LEU A 57 -15.05 9.01 7.58
N TYR A 58 -13.98 9.77 7.39
CA TYR A 58 -13.87 11.11 7.95
C TYR A 58 -14.17 12.19 6.92
N GLY A 59 -14.78 11.82 5.81
CA GLY A 59 -15.38 12.79 4.92
C GLY A 59 -14.51 13.36 3.84
N ILE A 60 -13.44 12.66 3.44
CA ILE A 60 -12.56 13.20 2.41
C ILE A 60 -13.32 13.38 1.09
N ALA A 61 -14.34 12.57 0.81
CA ALA A 61 -15.16 12.75 -0.39
C ALA A 61 -16.59 13.15 -0.06
N GLY A 62 -16.82 13.73 1.12
CA GLY A 62 -18.16 14.06 1.57
C GLY A 62 -18.76 13.05 2.53
N VAL A 71 -18.28 0.95 6.94
CA VAL A 71 -18.84 1.55 8.15
C VAL A 71 -19.06 0.49 9.25
N LYS A 72 -18.87 -0.78 8.90
CA LYS A 72 -19.02 -1.84 9.89
C LYS A 72 -17.88 -1.80 10.90
N LYS A 73 -18.23 -2.03 12.16
CA LYS A 73 -17.21 -2.16 13.19
C LYS A 73 -16.24 -3.27 12.76
N LEU A 74 -14.99 -3.19 13.26
CA LEU A 74 -13.95 -4.06 12.74
C LEU A 74 -14.22 -5.54 12.98
N ASP A 75 -14.71 -5.89 14.16
CA ASP A 75 -14.92 -7.30 14.46
C ASP A 75 -16.09 -7.88 13.68
N VAL A 76 -17.04 -7.04 13.32
CA VAL A 76 -18.11 -7.48 12.43
C VAL A 76 -17.55 -7.70 11.03
N LEU A 77 -16.71 -6.78 10.54
CA LEU A 77 -16.12 -6.95 9.21
C LEU A 77 -15.25 -8.20 9.15
N SER A 78 -14.43 -8.44 10.19
CA SER A 78 -13.54 -9.60 10.22
C SER A 78 -14.31 -10.91 10.18
N ASN A 79 -15.39 -11.01 10.97
CA ASN A 79 -16.21 -12.22 10.95
C ASN A 79 -16.83 -12.44 9.58
N ASP A 80 -17.29 -11.36 8.95
CA ASP A 80 -17.84 -11.46 7.59
C ASP A 80 -16.77 -11.91 6.59
N LEU A 81 -15.52 -11.46 6.77
CA LEU A 81 -14.47 -11.90 5.86
C LEU A 81 -14.18 -13.39 6.03
N VAL A 82 -13.95 -13.84 7.26
CA VAL A 82 -13.64 -15.26 7.47
C VAL A 82 -14.80 -16.14 7.04
N MET A 83 -16.02 -15.83 7.50
CA MET A 83 -17.19 -16.64 7.15
C MET A 83 -17.33 -16.78 5.64
N ASN A 84 -17.24 -15.66 4.91
CA ASN A 84 -17.47 -15.70 3.45
C ASN A 84 -16.35 -16.42 2.71
N MET A 85 -15.09 -16.22 3.12
CA MET A 85 -13.99 -16.93 2.47
C MET A 85 -14.05 -18.44 2.75
N LEU A 86 -14.37 -18.83 3.99
CA LEU A 86 -14.43 -20.25 4.30
C LEU A 86 -15.58 -20.94 3.55
N LYS A 87 -16.76 -20.32 3.51
CA LYS A 87 -17.86 -20.92 2.74
C LYS A 87 -17.47 -21.06 1.26
N SER A 88 -16.84 -20.04 0.68
CA SER A 88 -16.52 -20.03 -0.75
C SER A 88 -15.39 -20.98 -1.12
N SER A 89 -14.71 -21.57 -0.13
CA SER A 89 -13.66 -22.56 -0.35
C SER A 89 -14.19 -23.93 -0.74
N PHE A 90 -15.47 -24.21 -0.48
CA PHE A 90 -16.10 -25.52 -0.72
C PHE A 90 -15.48 -26.63 0.12
N ALA A 91 -14.85 -26.27 1.24
CA ALA A 91 -14.08 -27.21 2.04
C ALA A 91 -14.61 -27.40 3.45
N THR A 92 -15.64 -26.66 3.86
CA THR A 92 -16.11 -26.66 5.23
C THR A 92 -17.59 -27.08 5.28
N CYS A 93 -18.02 -27.55 6.45
CA CYS A 93 -19.43 -27.88 6.60
C CYS A 93 -20.02 -27.28 7.89
N VAL A 94 -19.18 -27.05 8.89
CA VAL A 94 -19.60 -26.40 10.14
C VAL A 94 -18.57 -25.34 10.52
N LEU A 95 -19.05 -24.14 10.85
CA LEU A 95 -18.20 -23.02 11.23
C LEU A 95 -18.61 -22.54 12.61
N VAL A 96 -17.64 -22.41 13.53
CA VAL A 96 -17.90 -21.88 14.87
C VAL A 96 -17.07 -20.60 15.03
N SER A 97 -17.77 -19.51 15.30
CA SER A 97 -17.14 -18.22 15.52
C SER A 97 -17.47 -17.70 16.92
N GLU A 98 -16.52 -16.96 17.47
CA GLU A 98 -16.75 -16.22 18.70
C GLU A 98 -17.96 -15.28 18.59
N GLU A 99 -18.36 -14.91 17.37
CA GLU A 99 -19.41 -13.91 17.16
C GLU A 99 -20.84 -14.44 17.12
N ASP A 100 -21.04 -15.75 16.94
CA ASP A 100 -22.36 -16.33 16.76
C ASP A 100 -22.69 -17.33 17.86
N LYS A 101 -23.92 -17.27 18.37
CA LYS A 101 -24.35 -18.19 19.42
C LYS A 101 -24.40 -19.64 18.93
N HIS A 102 -24.94 -19.87 17.75
CA HIS A 102 -25.02 -21.21 17.21
C HIS A 102 -24.01 -21.36 16.08
N ALA A 103 -23.67 -22.62 15.81
CA ALA A 103 -22.82 -22.95 14.67
C ALA A 103 -23.49 -22.58 13.35
N ILE A 104 -22.67 -22.20 12.38
CA ILE A 104 -23.16 -21.99 11.02
C ILE A 104 -22.94 -23.27 10.26
N ILE A 105 -24.00 -23.79 9.65
CA ILE A 105 -23.96 -24.99 8.83
C ILE A 105 -23.91 -24.53 7.39
N VAL A 106 -22.84 -24.90 6.68
CA VAL A 106 -22.69 -24.49 5.29
C VAL A 106 -23.78 -25.12 4.43
N GLU A 107 -24.30 -24.35 3.47
CA GLU A 107 -25.33 -24.86 2.58
C GLU A 107 -24.76 -25.96 1.69
N PRO A 108 -25.62 -26.88 1.20
CA PRO A 108 -25.12 -28.10 0.55
C PRO A 108 -24.17 -27.93 -0.63
N GLU A 109 -24.41 -26.99 -1.55
CA GLU A 109 -23.56 -26.92 -2.72
C GLU A 109 -22.15 -26.45 -2.39
N LYS A 110 -21.97 -25.84 -1.22
CA LYS A 110 -20.67 -25.28 -0.84
C LYS A 110 -19.97 -26.14 0.20
N ARG A 111 -20.48 -27.35 0.45
CA ARG A 111 -20.04 -28.15 1.58
C ARG A 111 -18.76 -28.93 1.26
N GLY A 112 -17.82 -28.86 2.18
CA GLY A 112 -16.68 -29.78 2.22
C GLY A 112 -16.65 -30.51 3.55
N LYS A 113 -15.50 -31.09 3.92
CA LYS A 113 -15.44 -32.06 5.00
C LYS A 113 -14.85 -31.53 6.30
N TYR A 114 -14.50 -30.26 6.37
CA TYR A 114 -13.80 -29.71 7.52
C TYR A 114 -14.69 -28.82 8.38
N VAL A 115 -14.43 -28.85 9.68
CA VAL A 115 -15.07 -28.02 10.70
C VAL A 115 -14.03 -27.00 11.15
N VAL A 116 -14.40 -25.72 11.17
CA VAL A 116 -13.45 -24.63 11.47
C VAL A 116 -14.00 -23.80 12.64
N CYS A 117 -13.19 -23.63 13.67
CA CYS A 117 -13.49 -22.78 14.81
C CYS A 117 -12.53 -21.60 14.79
N PHE A 118 -13.06 -20.39 14.91
CA PHE A 118 -12.18 -19.23 14.81
C PHE A 118 -12.66 -18.06 15.67
N ASP A 119 -11.70 -17.26 16.11
CA ASP A 119 -11.96 -15.97 16.72
C ASP A 119 -11.46 -14.90 15.74
N PRO A 120 -12.37 -14.22 15.04
CA PRO A 120 -11.95 -13.40 13.88
C PRO A 120 -11.06 -12.22 14.22
N LEU A 121 -11.19 -11.63 15.41
CA LEU A 121 -10.40 -10.46 15.79
C LEU A 121 -10.27 -10.43 17.31
N ASP A 122 -9.42 -11.30 17.85
CA ASP A 122 -9.29 -11.42 19.29
C ASP A 122 -8.56 -10.20 19.85
N GLY A 123 -9.08 -9.67 20.95
CA GLY A 123 -8.54 -8.47 21.56
C GLY A 123 -9.15 -7.17 21.08
N SER A 124 -10.19 -7.22 20.23
CA SER A 124 -10.76 -6.00 19.66
C SER A 124 -11.54 -5.17 20.67
N SER A 125 -11.83 -5.70 21.87
CA SER A 125 -12.45 -4.88 22.91
C SER A 125 -11.61 -3.65 23.22
N ASN A 126 -10.28 -3.77 23.14
CA ASN A 126 -9.36 -2.70 23.46
C ASN A 126 -8.65 -2.15 22.22
N ILE A 127 -9.21 -2.36 21.02
CA ILE A 127 -8.59 -1.85 19.81
C ILE A 127 -8.64 -0.32 19.74
N ASP A 128 -9.47 0.31 20.58
CA ASP A 128 -9.50 1.77 20.70
C ASP A 128 -8.13 2.36 21.01
N CYS A 129 -7.23 1.57 21.60
CA CYS A 129 -5.90 2.05 21.92
C CYS A 129 -4.82 1.46 21.02
N LEU A 130 -5.20 0.87 19.88
CA LEU A 130 -4.22 0.38 18.91
C LEU A 130 -3.35 -0.75 19.47
N VAL A 131 -3.87 -1.48 20.47
CA VAL A 131 -3.20 -2.66 20.94
C VAL A 131 -3.14 -3.70 19.82
N SER A 132 -2.11 -4.54 19.84
CA SER A 132 -2.07 -5.70 18.96
C SER A 132 -3.37 -6.48 19.08
N VAL A 133 -3.88 -6.94 17.94
CA VAL A 133 -5.02 -7.83 17.87
C VAL A 133 -4.62 -8.99 16.97
N GLY A 134 -5.53 -9.97 16.85
CA GLY A 134 -5.17 -11.17 16.11
C GLY A 134 -6.39 -11.98 15.68
N THR A 135 -6.12 -12.95 14.82
CA THR A 135 -7.09 -13.93 14.35
C THR A 135 -6.58 -15.31 14.73
N ILE A 136 -7.45 -16.15 15.27
CA ILE A 136 -7.10 -17.49 15.73
C ILE A 136 -8.01 -18.48 15.05
N PHE A 137 -7.47 -19.62 14.64
CA PHE A 137 -8.29 -20.62 13.98
C PHE A 137 -7.77 -22.01 14.31
N GLY A 138 -8.68 -22.97 14.29
CA GLY A 138 -8.36 -24.38 14.38
C GLY A 138 -9.27 -25.16 13.43
N ILE A 139 -8.74 -26.22 12.80
CA ILE A 139 -9.43 -26.97 11.75
C ILE A 139 -9.54 -28.44 12.17
N TYR A 140 -10.75 -28.96 12.15
CA TYR A 140 -11.01 -30.38 12.40
C TYR A 140 -11.70 -30.99 11.18
N ARG A 141 -11.58 -32.31 11.06
CA ARG A 141 -12.32 -33.09 10.08
C ARG A 141 -13.62 -33.60 10.68
N LYS A 142 -14.71 -33.52 9.91
CA LYS A 142 -15.99 -34.03 10.37
C LYS A 142 -15.92 -35.54 10.58
N LYS A 143 -16.38 -35.99 11.76
CA LYS A 143 -16.14 -37.32 12.27
C LYS A 143 -17.27 -38.32 12.02
N SER A 144 -18.51 -37.87 11.96
CA SER A 144 -19.66 -38.75 11.83
C SER A 144 -20.20 -38.80 10.39
N THR A 145 -21.15 -39.70 10.18
CA THR A 145 -21.88 -39.82 8.91
C THR A 145 -23.22 -39.11 8.93
N ASP A 146 -23.58 -38.50 10.06
CA ASP A 146 -24.79 -37.72 10.19
C ASP A 146 -24.76 -36.46 9.30
N GLU A 147 -25.91 -35.82 9.24
CA GLU A 147 -25.97 -34.45 8.74
C GLU A 147 -24.99 -33.59 9.54
N PRO A 148 -24.29 -32.68 8.90
CA PRO A 148 -23.42 -31.78 9.68
C PRO A 148 -24.28 -31.05 10.71
N SER A 149 -23.74 -30.89 11.90
CA SER A 149 -24.48 -30.24 12.97
C SER A 149 -23.48 -29.63 13.94
N GLU A 150 -24.01 -28.86 14.91
CA GLU A 150 -23.18 -28.30 15.95
C GLU A 150 -22.40 -29.38 16.69
N LYS A 151 -22.93 -30.61 16.74
CA LYS A 151 -22.26 -31.71 17.42
C LYS A 151 -20.87 -31.96 16.86
N ASP A 152 -20.67 -31.67 15.56
CA ASP A 152 -19.43 -31.97 14.85
C ASP A 152 -18.25 -31.12 15.29
N ALA A 153 -18.50 -29.98 15.94
CA ALA A 153 -17.42 -29.16 16.47
C ALA A 153 -17.10 -29.49 17.91
N LEU A 154 -17.85 -30.40 18.53
CA LEU A 154 -17.59 -30.79 19.92
C LEU A 154 -16.57 -31.93 19.94
N GLN A 155 -15.35 -31.60 19.51
CA GLN A 155 -14.20 -32.48 19.47
C GLN A 155 -13.08 -31.98 20.38
N PRO A 156 -12.30 -32.89 20.94
CA PRO A 156 -11.12 -32.48 21.72
C PRO A 156 -10.02 -31.95 20.82
N GLY A 157 -9.17 -31.10 21.41
CA GLY A 157 -8.07 -30.52 20.68
C GLY A 157 -7.14 -31.55 20.05
N ARG A 158 -7.04 -32.73 20.66
CA ARG A 158 -6.21 -33.79 20.09
C ARG A 158 -6.55 -34.08 18.63
N ASN A 159 -7.78 -33.80 18.21
CA ASN A 159 -8.22 -34.15 16.87
C ASN A 159 -7.91 -33.08 15.83
N LEU A 160 -7.21 -32.01 16.22
CA LEU A 160 -6.90 -30.93 15.28
C LEU A 160 -6.03 -31.39 14.14
N VAL A 161 -6.42 -30.99 12.93
CA VAL A 161 -5.63 -31.20 11.73
C VAL A 161 -4.62 -30.07 11.50
N ALA A 162 -4.98 -28.86 11.91
CA ALA A 162 -4.16 -27.66 11.72
C ALA A 162 -4.77 -26.54 12.55
N ALA A 163 -3.92 -25.60 12.95
CA ALA A 163 -4.36 -24.47 13.75
C ALA A 163 -3.30 -23.41 13.62
N GLY A 164 -3.66 -22.19 13.97
CA GLY A 164 -2.68 -21.12 13.93
C GLY A 164 -3.30 -19.78 14.23
N TYR A 165 -2.47 -18.75 14.10
CA TYR A 165 -2.96 -17.41 14.36
C TYR A 165 -2.25 -16.43 13.45
N ALA A 166 -2.93 -15.33 13.20
CA ALA A 166 -2.34 -14.17 12.58
C ALA A 166 -2.30 -13.09 13.63
N LEU A 167 -1.13 -12.46 13.78
CA LEU A 167 -0.92 -11.36 14.71
C LEU A 167 -0.75 -10.07 13.92
N TYR A 168 -1.59 -9.07 14.21
CA TYR A 168 -1.47 -7.75 13.61
C TYR A 168 -0.77 -6.86 14.64
N GLY A 169 0.54 -7.02 14.75
CA GLY A 169 1.38 -6.23 15.64
C GLY A 169 2.07 -5.09 14.88
N SER A 170 3.34 -4.87 15.21
CA SER A 170 4.10 -3.87 14.47
C SER A 170 4.22 -4.25 12.99
N ALA A 171 4.22 -5.56 12.71
CA ALA A 171 4.06 -6.11 11.38
C ALA A 171 3.04 -7.23 11.48
N THR A 172 2.56 -7.74 10.35
CA THR A 172 1.58 -8.82 10.35
C THR A 172 2.28 -10.15 10.09
N MET A 173 2.04 -11.10 10.97
CA MET A 173 2.64 -12.41 10.84
C MET A 173 1.58 -13.49 11.02
N LEU A 174 1.65 -14.50 10.16
CA LEU A 174 0.81 -15.69 10.26
C LEU A 174 1.65 -16.85 10.78
N VAL A 175 1.21 -17.46 11.88
CA VAL A 175 1.85 -18.63 12.46
C VAL A 175 0.94 -19.81 12.18
N LEU A 176 1.47 -20.83 11.49
CA LEU A 176 0.69 -21.99 11.05
C LEU A 176 1.31 -23.25 11.64
N ALA A 177 0.50 -24.06 12.32
CA ALA A 177 0.93 -25.30 12.94
C ALA A 177 0.20 -26.48 12.33
N MET A 178 0.95 -27.51 11.98
CA MET A 178 0.43 -28.77 11.46
C MET A 178 1.27 -29.90 12.05
N ASP A 179 1.03 -31.12 11.54
CA ASP A 179 1.79 -32.29 11.98
C ASP A 179 3.29 -32.09 11.79
N CYS A 180 3.68 -31.46 10.68
CA CYS A 180 5.08 -31.18 10.40
C CYS A 180 5.70 -30.14 11.33
N GLY A 181 4.91 -29.45 12.16
CA GLY A 181 5.46 -28.45 13.06
C GLY A 181 4.92 -27.05 12.86
N VAL A 182 5.65 -26.05 13.36
CA VAL A 182 5.22 -24.65 13.38
C VAL A 182 6.08 -23.84 12.42
N ASN A 183 5.43 -23.05 11.57
CA ASN A 183 6.12 -22.20 10.60
C ASN A 183 5.52 -20.81 10.63
N CYS A 184 6.39 -19.79 10.50
CA CYS A 184 6.01 -18.39 10.68
C CYS A 184 6.16 -17.63 9.37
N PHE A 185 5.10 -16.94 8.97
CA PHE A 185 5.06 -16.20 7.72
C PHE A 185 4.85 -14.71 7.98
N MET A 186 5.71 -13.89 7.40
CA MET A 186 5.59 -12.45 7.48
C MET A 186 4.89 -11.93 6.22
N LEU A 187 3.91 -11.05 6.40
CA LEU A 187 3.21 -10.44 5.28
C LEU A 187 4.06 -9.31 4.72
N ASP A 188 4.40 -9.40 3.43
CA ASP A 188 5.02 -8.25 2.78
C ASP A 188 3.88 -7.41 2.24
N PRO A 189 3.56 -6.29 2.90
CA PRO A 189 2.42 -5.50 2.45
C PRO A 189 2.62 -4.87 1.09
N ALA A 190 3.86 -4.72 0.62
CA ALA A 190 4.09 -4.14 -0.70
C ALA A 190 3.53 -5.02 -1.82
N ILE A 191 3.54 -6.34 -1.65
CA ILE A 191 3.20 -7.26 -2.72
C ILE A 191 2.14 -8.25 -2.25
N GLY A 192 1.62 -8.04 -1.05
CA GLY A 192 0.63 -8.92 -0.46
C GLY A 192 0.97 -10.38 -0.43
N GLU A 193 2.20 -10.74 -0.03
CA GLU A 193 2.61 -12.13 0.09
C GLU A 193 3.08 -12.42 1.51
N PHE A 194 2.72 -13.60 1.99
CA PHE A 194 3.26 -14.14 3.22
C PHE A 194 4.57 -14.85 2.90
N ILE A 195 5.66 -14.39 3.50
CA ILE A 195 7.00 -14.93 3.25
C ILE A 195 7.36 -15.82 4.42
N LEU A 196 7.79 -17.05 4.14
CA LEU A 196 8.27 -17.93 5.19
C LEU A 196 9.56 -17.35 5.75
N VAL A 197 9.60 -17.05 7.06
CA VAL A 197 10.79 -16.50 7.68
C VAL A 197 11.33 -17.37 8.83
N ASP A 198 10.53 -18.27 9.41
CA ASP A 198 10.99 -19.15 10.50
C ASP A 198 10.40 -20.54 10.30
N LYS A 199 11.27 -21.51 10.02
CA LYS A 199 10.88 -22.89 9.76
C LYS A 199 10.99 -23.71 11.05
N ASP A 200 10.02 -24.59 11.25
CA ASP A 200 10.06 -25.59 12.34
C ASP A 200 10.47 -24.95 13.68
N VAL A 201 9.65 -23.99 14.12
CA VAL A 201 9.97 -23.24 15.33
C VAL A 201 9.76 -24.09 16.58
N LYS A 202 10.65 -23.92 17.54
CA LYS A 202 10.59 -24.63 18.82
C LYS A 202 10.75 -23.62 19.94
N ILE A 203 9.91 -23.73 20.97
CA ILE A 203 9.96 -22.82 22.11
C ILE A 203 11.17 -23.17 23.00
N LYS A 204 11.72 -22.15 23.65
CA LYS A 204 12.80 -22.35 24.62
C LYS A 204 12.39 -23.32 25.72
N LYS A 205 13.35 -24.11 26.17
CA LYS A 205 13.07 -25.05 27.25
C LYS A 205 12.68 -24.33 28.54
N LYS A 206 13.25 -23.15 28.79
CA LYS A 206 12.94 -22.40 30.01
C LYS A 206 13.11 -20.91 29.75
N GLY A 207 12.14 -20.11 30.23
CA GLY A 207 12.13 -18.69 30.01
C GLY A 207 12.37 -17.86 31.26
N LYS A 208 12.18 -16.54 31.09
CA LYS A 208 12.43 -15.56 32.15
C LYS A 208 11.35 -14.47 32.19
N ILE A 209 10.14 -14.78 31.71
CA ILE A 209 9.00 -13.87 31.67
C ILE A 209 7.74 -14.63 32.11
N TYR A 210 6.95 -14.03 33.00
CA TYR A 210 5.63 -14.55 33.29
C TYR A 210 4.59 -13.52 32.88
N SER A 211 3.41 -14.00 32.49
CA SER A 211 2.37 -13.14 31.92
C SER A 211 1.00 -13.53 32.44
N LEU A 212 0.36 -12.61 33.19
CA LEU A 212 -1.00 -12.73 33.68
C LEU A 212 -1.41 -11.36 34.23
N ASN A 213 -2.72 -11.17 34.36
CA ASN A 213 -3.29 -9.95 34.94
C ASN A 213 -3.16 -10.01 36.46
N GLU A 214 -2.17 -9.29 37.02
CA GLU A 214 -1.99 -9.31 38.48
C GLU A 214 -2.92 -8.36 39.23
N GLY A 215 -3.68 -7.51 38.54
CA GLY A 215 -4.60 -6.65 39.24
C GLY A 215 -5.71 -7.40 39.96
N TYR A 216 -5.98 -8.63 39.54
CA TYR A 216 -6.97 -9.50 40.15
C TYR A 216 -6.35 -10.46 41.18
N ALA A 217 -5.28 -10.01 41.85
CA ALA A 217 -4.53 -10.86 42.79
C ALA A 217 -5.39 -11.34 43.96
N LYS A 218 -6.34 -10.54 44.44
CA LYS A 218 -7.15 -10.97 45.59
C LYS A 218 -8.01 -12.19 45.28
N ASP A 219 -8.25 -12.51 44.01
CA ASP A 219 -9.10 -13.63 43.62
C ASP A 219 -8.32 -14.88 43.22
N PHE A 220 -6.98 -14.82 43.24
CA PHE A 220 -6.18 -15.93 42.76
C PHE A 220 -6.41 -17.17 43.60
N ASP A 221 -6.36 -18.33 42.94
CA ASP A 221 -6.15 -19.57 43.66
C ASP A 221 -4.84 -19.49 44.43
N PRO A 222 -4.73 -20.15 45.58
CA PRO A 222 -3.47 -20.06 46.34
C PRO A 222 -2.27 -20.63 45.59
N ALA A 223 -2.45 -21.65 44.75
CA ALA A 223 -1.33 -22.16 43.96
C ALA A 223 -0.77 -21.09 43.03
N VAL A 224 -1.65 -20.30 42.39
CA VAL A 224 -1.18 -19.20 41.56
C VAL A 224 -0.44 -18.16 42.40
N THR A 225 -1.00 -17.80 43.57
CA THR A 225 -0.36 -16.85 44.47
C THR A 225 1.06 -17.29 44.84
N GLU A 226 1.26 -18.59 45.11
CA GLU A 226 2.59 -19.04 45.50
C GLU A 226 3.55 -19.04 44.32
N TYR A 227 3.09 -19.52 43.16
CA TYR A 227 3.95 -19.53 41.98
C TYR A 227 4.39 -18.12 41.61
N ILE A 228 3.47 -17.14 41.66
CA ILE A 228 3.83 -15.76 41.33
C ILE A 228 4.86 -15.23 42.32
N GLN A 229 4.72 -15.61 43.59
CA GLN A 229 5.70 -15.24 44.60
C GLN A 229 7.07 -15.82 44.28
N ARG A 230 7.09 -17.06 43.78
CA ARG A 230 8.39 -17.63 43.39
C ARG A 230 9.01 -16.90 42.22
N LYS A 231 8.20 -16.40 41.30
CA LYS A 231 8.79 -15.70 40.16
C LYS A 231 9.36 -14.34 40.57
N LYS A 232 8.72 -13.67 41.53
CA LYS A 232 9.20 -12.38 42.04
C LYS A 232 10.25 -12.52 43.14
N PHE A 233 10.18 -13.58 43.94
CA PHE A 233 11.12 -13.80 45.05
C PHE A 233 11.68 -15.21 44.96
N PRO A 234 12.63 -15.44 44.05
CA PRO A 234 13.14 -16.80 43.84
C PRO A 234 13.81 -17.31 45.10
N PRO A 235 13.54 -18.56 45.50
CA PRO A 235 14.16 -19.09 46.73
C PRO A 235 15.63 -19.39 46.61
N ASP A 236 16.17 -19.62 45.41
CA ASP A 236 17.59 -19.98 45.26
C ASP A 236 18.49 -18.79 45.00
N ASN A 237 17.96 -17.56 45.09
CA ASN A 237 18.74 -16.35 44.90
C ASN A 237 19.23 -16.26 43.45
N SER A 238 18.35 -16.56 42.51
CA SER A 238 18.57 -16.33 41.09
C SER A 238 17.76 -15.11 40.66
N ALA A 239 17.80 -14.81 39.37
CA ALA A 239 17.15 -13.58 38.90
C ALA A 239 15.64 -13.71 38.93
N PRO A 240 14.92 -12.74 39.51
CA PRO A 240 13.47 -12.71 39.38
C PRO A 240 13.07 -12.54 37.91
N TYR A 241 11.94 -13.16 37.56
CA TYR A 241 11.39 -13.02 36.21
C TYR A 241 10.89 -11.59 35.95
N GLY A 242 10.91 -11.21 34.68
CA GLY A 242 10.16 -10.05 34.25
C GLY A 242 8.71 -10.39 34.00
N ALA A 243 7.85 -9.39 34.05
CA ALA A 243 6.43 -9.55 33.77
C ALA A 243 6.05 -8.74 32.54
N ARG A 244 5.18 -9.31 31.73
CA ARG A 244 4.53 -8.59 30.64
C ARG A 244 3.07 -9.02 30.59
N TYR A 245 2.17 -8.08 30.35
CA TYR A 245 0.78 -8.46 30.13
C TYR A 245 0.16 -7.47 29.14
N VAL A 246 0.03 -7.88 27.88
CA VAL A 246 -0.54 -6.98 26.90
C VAL A 246 -2.07 -6.92 27.06
N GLY A 247 -2.68 -8.06 27.38
CA GLY A 247 -4.12 -8.17 27.44
C GLY A 247 -4.76 -8.71 26.18
N SER A 248 -4.01 -8.81 25.09
CA SER A 248 -4.48 -9.45 23.87
C SER A 248 -3.83 -10.83 23.82
N MET A 249 -4.66 -11.88 23.71
CA MET A 249 -4.15 -13.23 23.87
C MET A 249 -3.11 -13.57 22.81
N VAL A 250 -3.40 -13.24 21.55
CA VAL A 250 -2.49 -13.59 20.46
C VAL A 250 -1.14 -12.94 20.68
N ALA A 251 -1.15 -11.68 21.12
CA ALA A 251 0.10 -10.96 21.33
C ALA A 251 0.92 -11.60 22.46
N ASP A 252 0.27 -11.90 23.59
CA ASP A 252 0.99 -12.50 24.71
C ASP A 252 1.46 -13.91 24.40
N VAL A 253 0.71 -14.69 23.62
CA VAL A 253 1.13 -16.05 23.31
C VAL A 253 2.28 -16.04 22.33
N HIS A 254 2.26 -15.14 21.34
CA HIS A 254 3.37 -15.06 20.40
C HIS A 254 4.65 -14.62 21.11
N ARG A 255 4.54 -13.66 22.04
CA ARG A 255 5.74 -13.30 22.81
C ARG A 255 6.27 -14.50 23.58
N THR A 256 5.37 -15.27 24.18
CA THR A 256 5.78 -16.48 24.89
C THR A 256 6.44 -17.47 23.93
N LEU A 257 5.90 -17.61 22.72
CA LEU A 257 6.49 -18.50 21.74
C LEU A 257 7.89 -18.03 21.31
N VAL A 258 8.07 -16.71 21.19
CA VAL A 258 9.33 -16.19 20.67
C VAL A 258 10.41 -16.15 21.75
N TYR A 259 10.08 -15.69 22.96
CA TYR A 259 11.05 -15.48 24.01
C TYR A 259 11.08 -16.56 25.09
N GLY A 260 10.11 -17.47 25.11
CA GLY A 260 9.99 -18.40 26.21
C GLY A 260 9.27 -17.80 27.41
N GLY A 261 9.00 -18.64 28.41
CA GLY A 261 8.30 -18.19 29.59
C GLY A 261 6.93 -18.84 29.71
N ILE A 262 6.00 -18.16 30.40
CA ILE A 262 4.74 -18.78 30.78
C ILE A 262 3.62 -17.75 30.68
N PHE A 263 2.47 -18.20 30.19
CA PHE A 263 1.25 -17.38 30.13
C PHE A 263 0.16 -18.07 30.93
N LEU A 264 -0.52 -17.31 31.80
CA LEU A 264 -1.54 -17.91 32.68
C LEU A 264 -2.85 -17.15 32.56
N TYR A 265 -3.94 -17.88 32.33
CA TYR A 265 -5.30 -17.37 32.56
C TYR A 265 -6.00 -18.44 33.37
N PRO A 266 -5.70 -18.52 34.66
CA PRO A 266 -6.10 -19.68 35.47
C PRO A 266 -7.48 -19.58 36.07
N ALA A 267 -7.92 -20.71 36.60
CA ALA A 267 -9.16 -20.78 37.35
C ALA A 267 -8.98 -20.14 38.72
N ASN A 268 -10.06 -19.56 39.23
CA ASN A 268 -10.13 -19.05 40.58
C ASN A 268 -11.50 -19.43 41.14
N LYS A 269 -11.82 -18.97 42.35
CA LYS A 269 -13.08 -19.39 42.95
C LYS A 269 -14.27 -18.67 42.33
N LYS A 270 -14.07 -17.45 41.84
CA LYS A 270 -15.11 -16.71 41.11
C LYS A 270 -15.29 -17.19 39.67
N SER A 271 -14.30 -17.91 39.11
CA SER A 271 -14.36 -18.37 37.72
C SER A 271 -13.77 -19.77 37.65
N PRO A 272 -14.55 -20.78 38.06
CA PRO A 272 -13.98 -22.13 38.15
C PRO A 272 -13.59 -22.74 36.82
N ASN A 273 -14.11 -22.25 35.70
CA ASN A 273 -13.68 -22.77 34.42
C ASN A 273 -12.87 -21.75 33.60
N GLY A 274 -12.28 -20.76 34.24
CA GLY A 274 -11.48 -19.81 33.50
C GLY A 274 -12.33 -18.78 32.78
N LYS A 275 -11.65 -17.98 31.97
CA LYS A 275 -12.28 -16.92 31.19
C LYS A 275 -12.22 -17.16 29.68
N LEU A 276 -11.13 -17.72 29.16
CA LEU A 276 -10.96 -17.87 27.72
C LEU A 276 -11.78 -19.03 27.17
N ARG A 277 -12.11 -18.96 25.87
CA ARG A 277 -12.94 -19.96 25.23
C ARG A 277 -12.10 -21.12 24.72
N LEU A 278 -12.60 -22.33 24.93
CA LEU A 278 -11.82 -23.53 24.63
C LEU A 278 -11.67 -23.77 23.13
N LEU A 279 -12.76 -23.65 22.37
CA LEU A 279 -12.71 -24.14 20.99
C LEU A 279 -11.86 -23.26 20.10
N TYR A 280 -11.96 -21.95 20.25
CA TYR A 280 -11.35 -21.04 19.30
C TYR A 280 -10.32 -20.11 19.94
N GLU A 281 -9.89 -20.39 21.18
CA GLU A 281 -8.77 -19.67 21.78
C GLU A 281 -7.76 -20.64 22.38
N CYS A 282 -8.20 -21.43 23.35
CA CYS A 282 -7.30 -22.29 24.11
C CYS A 282 -6.76 -23.42 23.24
N ASN A 283 -7.64 -24.19 22.62
CA ASN A 283 -7.19 -25.33 21.82
C ASN A 283 -6.22 -24.94 20.71
N PRO A 284 -6.52 -23.99 19.81
CA PRO A 284 -5.53 -23.69 18.76
C PRO A 284 -4.20 -23.22 19.34
N MET A 285 -4.24 -22.37 20.36
CA MET A 285 -3.00 -21.97 20.99
C MET A 285 -2.31 -23.15 21.65
N ALA A 286 -3.08 -24.10 22.19
CA ALA A 286 -2.47 -25.27 22.80
C ALA A 286 -1.83 -26.18 21.76
N TYR A 287 -2.46 -26.32 20.59
CA TYR A 287 -1.90 -27.14 19.52
C TYR A 287 -0.59 -26.55 19.02
N VAL A 288 -0.55 -25.23 18.83
CA VAL A 288 0.67 -24.59 18.35
C VAL A 288 1.78 -24.75 19.39
N MET A 289 1.46 -24.54 20.67
CA MET A 289 2.46 -24.74 21.73
C MET A 289 3.04 -26.14 21.70
N GLU A 290 2.18 -27.17 21.63
CA GLU A 290 2.68 -28.53 21.74
C GLU A 290 3.51 -28.93 20.52
N LYS A 291 3.09 -28.52 19.31
CA LYS A 291 3.88 -28.73 18.09
C LYS A 291 5.19 -27.96 18.10
N ALA A 292 5.29 -26.89 18.87
CA ALA A 292 6.53 -26.14 19.04
C ALA A 292 7.34 -26.61 20.25
N GLY A 293 6.97 -27.73 20.87
CA GLY A 293 7.68 -28.24 22.03
C GLY A 293 7.33 -27.63 23.37
N GLY A 294 6.18 -26.96 23.49
CA GLY A 294 5.72 -26.41 24.74
C GLY A 294 4.65 -27.26 25.41
N MET A 295 4.06 -26.68 26.46
CA MET A 295 3.04 -27.36 27.23
C MET A 295 1.83 -26.46 27.39
N ALA A 296 0.67 -27.07 27.61
CA ALA A 296 -0.59 -26.36 27.79
C ALA A 296 -1.50 -27.21 28.66
N THR A 297 -1.80 -26.73 29.87
CA THR A 297 -2.60 -27.48 30.83
C THR A 297 -3.72 -26.58 31.36
N THR A 298 -4.80 -27.22 31.81
CA THR A 298 -5.84 -26.53 32.58
C THR A 298 -5.50 -26.45 34.05
N GLY A 299 -4.46 -27.15 34.48
CA GLY A 299 -4.15 -27.36 35.87
C GLY A 299 -4.36 -28.82 36.23
N LYS A 300 -5.47 -29.37 35.74
CA LYS A 300 -5.87 -30.76 35.97
C LYS A 300 -5.51 -31.70 34.83
N GLU A 301 -5.43 -31.20 33.59
CA GLU A 301 -5.16 -32.05 32.43
C GLU A 301 -4.61 -31.18 31.31
N ALA A 302 -4.13 -31.84 30.25
CA ALA A 302 -3.75 -31.12 29.05
C ALA A 302 -4.97 -30.45 28.43
N VAL A 303 -4.78 -29.20 27.96
CA VAL A 303 -5.87 -28.48 27.31
C VAL A 303 -6.44 -29.29 26.15
N LEU A 304 -5.56 -29.92 25.37
CA LEU A 304 -5.97 -30.68 24.19
C LEU A 304 -6.75 -31.94 24.52
N ASP A 305 -6.82 -32.35 25.79
CA ASP A 305 -7.55 -33.55 26.18
C ASP A 305 -8.96 -33.27 26.68
N VAL A 306 -9.29 -32.02 26.96
CA VAL A 306 -10.62 -31.67 27.41
C VAL A 306 -11.63 -31.92 26.29
N ILE A 307 -12.68 -32.66 26.60
CA ILE A 307 -13.78 -32.92 25.67
C ILE A 307 -14.87 -31.90 25.95
N PRO A 308 -15.18 -31.01 25.02
CA PRO A 308 -16.17 -29.97 25.29
C PRO A 308 -17.59 -30.51 25.20
N THR A 309 -18.50 -29.83 25.92
CA THR A 309 -19.93 -30.12 25.81
C THR A 309 -20.72 -28.97 25.20
N ASP A 310 -20.14 -27.76 25.13
CA ASP A 310 -20.79 -26.58 24.58
C ASP A 310 -19.76 -25.81 23.75
N ILE A 311 -20.15 -25.38 22.55
CA ILE A 311 -19.16 -24.81 21.63
C ILE A 311 -18.53 -23.53 22.17
N HIS A 312 -19.17 -22.86 23.13
CA HIS A 312 -18.65 -21.63 23.71
C HIS A 312 -18.16 -21.83 25.14
N GLN A 313 -17.86 -23.06 25.55
CA GLN A 313 -17.48 -23.28 26.94
C GLN A 313 -16.06 -22.76 27.20
N ARG A 314 -15.82 -22.37 28.45
CA ARG A 314 -14.56 -21.80 28.87
C ARG A 314 -13.64 -22.87 29.46
N ALA A 315 -12.35 -22.51 29.57
CA ALA A 315 -11.31 -23.36 30.14
C ALA A 315 -10.19 -22.50 30.72
N PRO A 316 -9.64 -22.89 31.86
CA PRO A 316 -8.40 -22.26 32.33
C PRO A 316 -7.24 -22.77 31.51
N VAL A 317 -6.23 -21.92 31.35
CA VAL A 317 -5.07 -22.28 30.55
C VAL A 317 -3.78 -21.73 31.17
N ILE A 318 -2.81 -22.60 31.35
CA ILE A 318 -1.43 -22.23 31.66
C ILE A 318 -0.56 -22.85 30.57
N LEU A 319 0.20 -22.03 29.86
CA LEU A 319 1.00 -22.58 28.76
C LEU A 319 2.30 -21.82 28.62
N GLY A 320 3.24 -22.45 27.90
CA GLY A 320 4.53 -21.87 27.63
C GLY A 320 5.69 -22.85 27.66
N SER A 321 6.87 -22.36 28.03
CA SER A 321 8.06 -23.19 28.10
C SER A 321 7.81 -24.38 29.03
N PRO A 322 8.28 -25.57 28.67
CA PRO A 322 7.90 -26.75 29.46
C PRO A 322 8.43 -26.72 30.88
N ASP A 323 9.63 -26.18 31.10
CA ASP A 323 10.15 -26.13 32.46
C ASP A 323 9.32 -25.19 33.32
N ASP A 324 8.91 -24.04 32.77
CA ASP A 324 8.11 -23.14 33.58
C ASP A 324 6.75 -23.74 33.89
N VAL A 325 6.14 -24.43 32.92
CA VAL A 325 4.83 -25.03 33.13
C VAL A 325 4.91 -26.20 34.09
N LEU A 326 5.95 -27.04 33.98
CA LEU A 326 6.09 -28.16 34.91
C LEU A 326 6.28 -27.67 36.34
N GLU A 327 7.10 -26.63 36.53
CA GLU A 327 7.25 -26.04 37.85
C GLU A 327 5.93 -25.49 38.37
N PHE A 328 5.08 -24.96 37.48
CA PHE A 328 3.78 -24.51 37.95
C PHE A 328 2.91 -25.68 38.40
N LEU A 329 2.91 -26.79 37.64
CA LEU A 329 2.09 -27.93 38.03
C LEU A 329 2.51 -28.49 39.38
N LYS A 330 3.80 -28.40 39.72
CA LYS A 330 4.24 -28.88 41.03
C LYS A 330 3.65 -28.05 42.16
N VAL A 331 3.58 -26.72 41.99
CA VAL A 331 2.91 -25.92 43.01
C VAL A 331 1.43 -26.24 43.08
N TYR A 332 0.80 -26.41 41.91
CA TYR A 332 -0.63 -26.70 41.89
C TYR A 332 -0.93 -28.04 42.54
N GLU A 333 -0.07 -29.03 42.31
CA GLU A 333 -0.27 -30.34 42.93
C GLU A 333 0.02 -30.29 44.42
N LYS A 334 1.08 -29.57 44.82
CA LYS A 334 1.40 -29.38 46.23
C LYS A 334 0.22 -28.79 46.99
N HIS A 335 -0.67 -28.08 46.29
CA HIS A 335 -1.91 -27.59 46.86
C HIS A 335 -3.03 -28.59 46.70
N SER A 336 -2.68 -29.88 46.68
CA SER A 336 -3.54 -31.07 46.51
C SER A 336 -4.99 -30.84 46.11
N ASP B 10 -16.05 17.50 8.70
CA ASP B 10 -15.21 18.25 7.77
C ASP B 10 -13.74 17.84 7.91
N VAL B 11 -13.22 17.14 6.90
CA VAL B 11 -11.96 16.41 7.02
C VAL B 11 -10.80 17.36 7.24
N ASN B 12 -9.83 16.92 8.04
CA ASN B 12 -8.65 17.72 8.31
C ASN B 12 -7.44 16.78 8.36
N THR B 13 -6.34 17.21 7.76
CA THR B 13 -5.12 16.43 7.69
C THR B 13 -4.05 17.07 8.55
N LEU B 14 -3.01 16.30 8.83
CA LEU B 14 -1.88 16.84 9.57
C LEU B 14 -1.27 18.03 8.84
N THR B 15 -1.00 17.91 7.54
CA THR B 15 -0.41 19.04 6.83
C THR B 15 -1.27 20.29 6.95
N ARG B 16 -2.57 20.16 6.70
CA ARG B 16 -3.43 21.33 6.76
C ARG B 16 -3.44 21.91 8.18
N PHE B 17 -3.55 21.04 9.18
CA PHE B 17 -3.62 21.48 10.57
C PHE B 17 -2.39 22.32 10.95
N VAL B 18 -1.20 21.80 10.66
CA VAL B 18 0.05 22.43 11.05
C VAL B 18 0.22 23.80 10.39
N MET B 19 -0.11 23.88 9.09
CA MET B 19 -0.02 25.15 8.38
C MET B 19 -0.98 26.17 8.96
N GLU B 20 -2.19 25.74 9.32
CA GLU B 20 -3.17 26.65 9.92
C GLU B 20 -2.71 27.17 11.29
N GLU B 21 -2.04 26.34 12.09
CA GLU B 21 -1.49 26.88 13.34
C GLU B 21 -0.42 27.92 13.05
N GLY B 22 0.38 27.68 12.01
CA GLY B 22 1.40 28.65 11.65
C GLY B 22 0.79 29.96 11.17
N ARG B 23 -0.28 29.87 10.36
CA ARG B 23 -0.92 31.09 9.88
C ARG B 23 -1.48 31.92 11.04
N LYS B 24 -2.15 31.28 11.99
CA LYS B 24 -2.63 32.01 13.17
C LYS B 24 -1.48 32.70 13.90
N ALA B 25 -0.34 32.01 14.03
CA ALA B 25 0.72 32.53 14.89
C ALA B 25 1.63 33.52 14.17
N ARG B 26 1.71 33.46 12.84
CA ARG B 26 2.55 34.37 12.06
C ARG B 26 4.00 34.28 12.52
N GLY B 27 4.49 33.06 12.71
CA GLY B 27 5.90 32.85 13.01
C GLY B 27 6.75 32.78 11.75
N THR B 28 8.03 32.48 11.97
CA THR B 28 9.00 32.50 10.87
C THR B 28 8.85 31.31 9.92
N GLY B 29 8.05 30.30 10.25
CA GLY B 29 7.83 29.13 9.40
C GLY B 29 8.72 27.94 9.72
N GLU B 30 9.72 28.11 10.59
CA GLU B 30 10.64 27.00 10.86
C GLU B 30 9.93 25.85 11.55
N LEU B 31 9.09 26.13 12.54
CA LEU B 31 8.41 25.05 13.24
C LEU B 31 7.50 24.28 12.31
N THR B 32 6.85 24.98 11.38
CA THR B 32 5.98 24.31 10.42
C THR B 32 6.79 23.39 9.50
N GLN B 33 7.93 23.87 8.99
CA GLN B 33 8.75 23.01 8.14
C GLN B 33 9.30 21.83 8.92
N LEU B 34 9.65 22.05 10.19
CA LEU B 34 10.13 20.97 11.04
C LEU B 34 9.10 19.86 11.18
N LEU B 35 7.87 20.22 11.53
CA LEU B 35 6.85 19.20 11.74
C LEU B 35 6.50 18.48 10.45
N ASN B 36 6.52 19.18 9.30
CA ASN B 36 6.33 18.49 8.02
C ASN B 36 7.44 17.48 7.75
N SER B 37 8.69 17.84 8.08
CA SER B 37 9.80 16.90 7.94
C SER B 37 9.59 15.67 8.83
N LEU B 38 9.17 15.89 10.07
CA LEU B 38 8.93 14.79 10.99
C LEU B 38 7.80 13.90 10.48
N CYS B 39 6.76 14.52 9.91
CA CYS B 39 5.64 13.77 9.34
C CYS B 39 6.11 12.77 8.30
N THR B 40 6.97 13.22 7.37
CA THR B 40 7.49 12.33 6.33
C THR B 40 8.30 11.18 6.93
N ALA B 41 9.15 11.47 7.93
CA ALA B 41 9.98 10.41 8.49
C ALA B 41 9.12 9.35 9.17
N VAL B 42 8.06 9.77 9.86
CA VAL B 42 7.17 8.83 10.55
C VAL B 42 6.49 7.90 9.55
N LYS B 43 6.03 8.44 8.41
CA LYS B 43 5.44 7.56 7.40
C LYS B 43 6.47 6.58 6.84
N ALA B 44 7.73 7.02 6.68
CA ALA B 44 8.76 6.10 6.19
C ALA B 44 9.16 5.09 7.26
N ILE B 45 9.16 5.47 8.53
CA ILE B 45 9.43 4.47 9.57
C ILE B 45 8.27 3.46 9.63
N SER B 46 7.02 3.95 9.62
CA SER B 46 5.87 3.07 9.64
C SER B 46 5.89 2.04 8.51
N SER B 47 6.26 2.46 7.29
CA SER B 47 6.31 1.51 6.19
C SER B 47 7.37 0.43 6.43
N ALA B 48 8.53 0.80 6.99
CA ALA B 48 9.57 -0.21 7.26
C ALA B 48 9.21 -1.08 8.47
N VAL B 49 8.59 -0.49 9.49
CA VAL B 49 8.18 -1.28 10.66
C VAL B 49 7.19 -2.35 10.23
N ARG B 50 6.30 -2.03 9.28
CA ARG B 50 5.33 -3.00 8.78
C ARG B 50 5.97 -4.02 7.83
N LYS B 51 7.27 -3.90 7.54
CA LYS B 51 8.07 -4.87 6.75
C LYS B 51 7.80 -4.81 5.24
N ALA B 52 7.43 -3.65 4.71
CA ALA B 52 7.35 -3.45 3.26
C ALA B 52 8.70 -3.71 2.63
N GLY B 53 8.74 -4.60 1.64
CA GLY B 53 9.99 -4.96 1.02
C GLY B 53 10.71 -6.13 1.64
N ILE B 54 10.12 -6.77 2.65
CA ILE B 54 10.75 -7.91 3.33
C ILE B 54 11.05 -9.06 2.37
N ALA B 55 10.25 -9.21 1.30
CA ALA B 55 10.49 -10.30 0.35
C ALA B 55 11.83 -10.14 -0.38
N HIS B 56 12.30 -8.91 -0.57
CA HIS B 56 13.59 -8.69 -1.22
C HIS B 56 14.74 -9.11 -0.31
N LEU B 57 14.59 -8.90 0.99
CA LEU B 57 15.61 -9.37 1.93
C LEU B 57 15.73 -10.89 1.91
N TYR B 58 14.65 -11.60 1.57
CA TYR B 58 14.62 -13.05 1.61
C TYR B 58 14.77 -13.69 0.23
N GLY B 59 15.26 -12.93 -0.74
CA GLY B 59 15.70 -13.50 -2.01
C GLY B 59 14.66 -13.60 -3.12
N ILE B 60 13.63 -12.76 -3.11
CA ILE B 60 12.59 -12.88 -4.13
C ILE B 60 13.14 -12.59 -5.52
N ALA B 61 14.19 -11.77 -5.61
CA ALA B 61 14.84 -11.43 -6.87
C ALA B 61 16.24 -12.05 -6.98
N GLY B 62 16.47 -13.16 -6.27
CA GLY B 62 17.79 -13.79 -6.22
C GLY B 62 18.58 -13.46 -4.96
N LYS B 73 19.35 -3.22 11.96
CA LYS B 73 19.17 -2.29 10.86
C LYS B 73 17.99 -1.34 11.07
N LEU B 74 16.87 -1.90 11.56
CA LEU B 74 15.63 -1.13 11.64
C LEU B 74 15.75 0.07 12.57
N ASP B 75 16.43 -0.08 13.71
CA ASP B 75 16.58 1.10 14.54
C ASP B 75 17.62 2.08 13.99
N VAL B 76 18.62 1.58 13.23
CA VAL B 76 19.59 2.45 12.55
C VAL B 76 18.92 3.22 11.43
N LEU B 77 18.07 2.55 10.65
CA LEU B 77 17.36 3.21 9.56
C LEU B 77 16.44 4.32 10.05
N SER B 78 15.72 4.05 11.16
CA SER B 78 14.83 5.07 11.75
C SER B 78 15.61 6.30 12.18
N ASN B 79 16.77 6.08 12.79
CA ASN B 79 17.59 7.19 13.22
C ASN B 79 18.09 7.98 12.00
N ASP B 80 18.50 7.27 10.95
CA ASP B 80 18.93 7.97 9.74
C ASP B 80 17.79 8.76 9.11
N LEU B 81 16.57 8.22 9.15
CA LEU B 81 15.44 8.92 8.56
C LEU B 81 15.16 10.22 9.32
N VAL B 82 15.00 10.13 10.64
CA VAL B 82 14.75 11.32 11.45
C VAL B 82 15.90 12.31 11.30
N MET B 83 17.15 11.83 11.44
CA MET B 83 18.31 12.70 11.30
C MET B 83 18.32 13.46 9.98
N ASN B 84 18.12 12.74 8.88
CA ASN B 84 18.23 13.40 7.57
C ASN B 84 17.05 14.32 7.32
N MET B 85 15.84 13.88 7.68
CA MET B 85 14.70 14.75 7.51
C MET B 85 14.82 16.01 8.38
N LEU B 86 15.29 15.87 9.63
CA LEU B 86 15.40 17.05 10.47
C LEU B 86 16.47 18.01 9.94
N LYS B 87 17.62 17.49 9.52
CA LYS B 87 18.65 18.36 8.92
C LYS B 87 18.11 19.07 7.68
N SER B 88 17.38 18.35 6.82
CA SER B 88 16.88 18.99 5.61
C SER B 88 15.72 19.96 5.87
N SER B 89 15.21 20.04 7.10
CA SER B 89 14.15 21.00 7.36
C SER B 89 14.66 22.44 7.41
N PHE B 90 15.96 22.64 7.62
CA PHE B 90 16.57 23.95 7.86
C PHE B 90 16.02 24.61 9.12
N ALA B 91 15.52 23.82 10.06
CA ALA B 91 14.87 24.35 11.25
C ALA B 91 15.58 24.01 12.56
N THR B 92 16.63 23.19 12.52
CA THR B 92 17.28 22.64 13.70
C THR B 92 18.75 23.04 13.74
N CYS B 93 19.31 23.01 14.95
CA CYS B 93 20.73 23.27 15.14
C CYS B 93 21.42 22.21 16.00
N VAL B 94 20.69 21.58 16.90
CA VAL B 94 21.22 20.51 17.73
C VAL B 94 20.23 19.35 17.71
N LEU B 95 20.74 18.13 17.54
CA LEU B 95 19.91 16.94 17.53
C LEU B 95 20.45 15.95 18.56
N VAL B 96 19.59 15.51 19.47
CA VAL B 96 19.92 14.52 20.47
C VAL B 96 19.08 13.29 20.20
N SER B 97 19.73 12.16 19.96
CA SER B 97 19.05 10.89 19.74
C SER B 97 19.50 9.89 20.78
N GLU B 98 18.57 9.00 21.13
CA GLU B 98 18.90 7.83 21.92
C GLU B 98 20.01 6.99 21.28
N GLU B 99 20.22 7.12 19.97
CA GLU B 99 21.17 6.29 19.25
C GLU B 99 22.59 6.84 19.21
N ASP B 100 22.80 8.11 19.51
CA ASP B 100 24.10 8.75 19.36
C ASP B 100 24.64 9.18 20.72
N LYS B 101 25.94 8.95 20.95
CA LYS B 101 26.55 9.27 22.24
C LYS B 101 26.54 10.76 22.52
N HIS B 102 26.96 11.57 21.55
CA HIS B 102 26.97 13.01 21.71
C HIS B 102 25.89 13.65 20.85
N ALA B 103 25.51 14.86 21.20
CA ALA B 103 24.56 15.61 20.38
C ALA B 103 25.12 15.83 18.98
N ILE B 104 24.25 15.84 17.99
CA ILE B 104 24.64 16.12 16.61
C ILE B 104 24.47 17.62 16.39
N ILE B 105 25.52 18.27 15.90
CA ILE B 105 25.46 19.69 15.55
C ILE B 105 25.29 19.84 14.05
N VAL B 106 24.18 20.47 13.64
CA VAL B 106 23.91 20.68 12.22
C VAL B 106 24.91 21.68 11.65
N GLU B 107 25.36 21.44 10.41
CA GLU B 107 26.32 22.33 9.78
C GLU B 107 25.64 23.67 9.47
N PRO B 108 26.42 24.74 9.35
CA PRO B 108 25.82 26.09 9.25
C PRO B 108 24.81 26.25 8.11
N GLU B 109 25.04 25.62 6.95
CA GLU B 109 24.14 25.86 5.84
C GLU B 109 22.73 25.29 6.04
N LYS B 110 22.55 24.32 6.94
CA LYS B 110 21.23 23.75 7.18
C LYS B 110 20.66 24.15 8.53
N ARG B 111 21.28 25.10 9.21
CA ARG B 111 20.99 25.38 10.61
C ARG B 111 19.78 26.30 10.76
N GLY B 112 18.84 25.91 11.64
CA GLY B 112 17.77 26.77 12.11
C GLY B 112 17.85 26.95 13.60
N LYS B 113 16.75 27.30 14.28
CA LYS B 113 16.83 27.68 15.68
C LYS B 113 16.28 26.65 16.67
N TYR B 114 15.81 25.48 16.22
CA TYR B 114 15.15 24.55 17.12
C TYR B 114 16.05 23.39 17.54
N VAL B 115 15.90 22.97 18.80
CA VAL B 115 16.60 21.82 19.36
C VAL B 115 15.59 20.69 19.45
N VAL B 116 15.97 19.52 18.94
CA VAL B 116 15.09 18.37 18.84
C VAL B 116 15.74 17.18 19.54
N CYS B 117 15.02 16.60 20.48
CA CYS B 117 15.44 15.38 21.15
C CYS B 117 14.50 14.27 20.75
N PHE B 118 15.02 13.11 20.35
CA PHE B 118 14.12 12.07 19.91
C PHE B 118 14.66 10.67 20.17
N ASP B 119 13.73 9.73 20.31
CA ASP B 119 14.01 8.29 20.33
C ASP B 119 13.41 7.74 19.04
N PRO B 120 14.22 7.35 18.05
CA PRO B 120 13.63 7.03 16.75
C PRO B 120 12.73 5.80 16.76
N LEU B 121 13.00 4.79 17.61
CA LEU B 121 12.15 3.58 17.58
C LEU B 121 12.16 2.92 18.97
N ASP B 122 11.44 3.53 19.90
CA ASP B 122 11.46 3.03 21.28
C ASP B 122 10.72 1.70 21.39
N GLY B 123 11.30 0.79 22.15
CA GLY B 123 10.77 -0.55 22.31
C GLY B 123 11.32 -1.56 21.31
N SER B 124 12.25 -1.14 20.47
CA SER B 124 12.77 -1.99 19.39
C SER B 124 13.64 -3.13 19.89
N SER B 125 13.97 -3.16 21.19
CA SER B 125 14.64 -4.33 21.75
C SER B 125 13.82 -5.60 21.54
N ASN B 126 12.49 -5.48 21.59
CA ASN B 126 11.59 -6.62 21.55
C ASN B 126 10.79 -6.72 20.24
N ILE B 127 11.25 -6.06 19.17
CA ILE B 127 10.52 -6.12 17.91
C ILE B 127 10.56 -7.53 17.31
N ASP B 128 11.42 -8.40 17.84
CA ASP B 128 11.45 -9.81 17.45
C ASP B 128 10.08 -10.48 17.62
N CYS B 129 9.29 -10.03 18.59
CA CYS B 129 7.98 -10.59 18.85
C CYS B 129 6.85 -9.69 18.36
N LEU B 130 7.15 -8.69 17.52
CA LEU B 130 6.15 -7.82 16.90
C LEU B 130 5.39 -6.98 17.94
N VAL B 131 6.05 -6.69 19.06
CA VAL B 131 5.48 -5.74 20.01
C VAL B 131 5.33 -4.38 19.32
N SER B 132 4.30 -3.63 19.71
CA SER B 132 4.13 -2.24 19.28
C SER B 132 5.37 -1.43 19.61
N VAL B 133 5.81 -0.61 18.65
CA VAL B 133 6.92 0.31 18.87
C VAL B 133 6.47 1.70 18.47
N GLY B 134 7.34 2.67 18.70
CA GLY B 134 6.95 4.04 18.52
C GLY B 134 8.15 4.95 18.40
N THR B 135 7.86 6.18 17.98
CA THR B 135 8.82 7.25 17.87
C THR B 135 8.38 8.37 18.79
N ILE B 136 9.33 8.98 19.49
CA ILE B 136 9.08 10.06 20.46
C ILE B 136 9.95 11.25 20.10
N PHE B 137 9.42 12.47 20.27
CA PHE B 137 10.22 13.66 19.97
C PHE B 137 9.81 14.84 20.87
N GLY B 138 10.79 15.72 21.10
CA GLY B 138 10.53 16.95 21.81
C GLY B 138 11.29 18.08 21.16
N ILE B 139 10.69 19.26 21.08
CA ILE B 139 11.23 20.38 20.32
C ILE B 139 11.39 21.56 21.27
N TYR B 140 12.61 22.08 21.39
CA TYR B 140 12.87 23.25 22.21
C TYR B 140 13.42 24.38 21.35
N ARG B 141 13.19 25.61 21.77
CA ARG B 141 13.80 26.72 21.05
C ARG B 141 15.13 27.08 21.69
N LYS B 142 16.15 27.21 20.86
CA LYS B 142 17.46 27.68 21.31
C LYS B 142 17.35 29.16 21.64
N LYS B 143 17.83 29.54 22.82
CA LYS B 143 17.53 30.85 23.39
C LYS B 143 18.58 31.90 23.03
N SER B 144 19.84 31.51 22.90
CA SER B 144 20.93 32.44 22.71
C SER B 144 21.36 32.52 21.25
N THR B 145 22.25 33.48 20.99
CA THR B 145 22.89 33.65 19.70
C THR B 145 24.28 33.02 19.65
N ASP B 146 24.72 32.37 20.73
CA ASP B 146 26.01 31.70 20.76
C ASP B 146 26.04 30.56 19.73
N GLU B 147 27.23 30.04 19.47
CA GLU B 147 27.33 28.88 18.60
C GLU B 147 26.60 27.69 19.22
N PRO B 148 25.83 26.93 18.44
CA PRO B 148 25.10 25.79 19.00
C PRO B 148 26.05 24.75 19.58
N SER B 149 25.63 24.12 20.68
CA SER B 149 26.46 23.13 21.34
C SER B 149 25.56 22.13 22.05
N GLU B 150 26.19 21.07 22.59
CA GLU B 150 25.43 20.08 23.35
C GLU B 150 24.73 20.69 24.55
N LYS B 151 25.30 21.73 25.15
CA LYS B 151 24.67 22.36 26.30
C LYS B 151 23.29 22.91 25.96
N ASP B 152 23.09 23.33 24.71
CA ASP B 152 21.82 23.93 24.33
C ASP B 152 20.67 22.94 24.45
N ALA B 153 20.96 21.64 24.53
CA ALA B 153 19.92 20.65 24.76
C ALA B 153 19.66 20.38 26.24
N LEU B 154 20.41 20.99 27.17
CA LEU B 154 20.15 20.83 28.62
C LEU B 154 19.13 21.88 29.06
N GLN B 155 17.89 21.69 28.59
CA GLN B 155 16.81 22.56 29.04
C GLN B 155 15.76 21.75 29.79
N PRO B 156 15.09 22.34 30.77
CA PRO B 156 13.97 21.66 31.42
C PRO B 156 12.78 21.49 30.49
N GLY B 157 11.95 20.50 30.82
CA GLY B 157 10.78 20.22 30.01
C GLY B 157 9.85 21.41 29.87
N ARG B 158 9.81 22.29 30.86
CA ARG B 158 8.98 23.48 30.81
C ARG B 158 9.19 24.32 29.57
N ASN B 159 10.35 24.18 28.92
CA ASN B 159 10.72 24.98 27.75
C ASN B 159 10.28 24.35 26.43
N LEU B 160 9.60 23.21 26.47
CA LEU B 160 9.16 22.58 25.24
C LEU B 160 8.17 23.46 24.48
N VAL B 161 8.43 23.61 23.19
CA VAL B 161 7.51 24.28 22.28
C VAL B 161 6.47 23.30 21.74
N ALA B 162 6.84 22.04 21.62
CA ALA B 162 5.99 21.02 21.05
C ALA B 162 6.63 19.66 21.32
N ALA B 163 5.79 18.63 21.36
CA ALA B 163 6.25 17.29 21.60
C ALA B 163 5.20 16.35 21.06
N GLY B 164 5.59 15.09 20.89
CA GLY B 164 4.61 14.11 20.46
C GLY B 164 5.23 12.76 20.27
N TYR B 165 4.41 11.85 19.74
CA TYR B 165 4.87 10.51 19.45
C TYR B 165 4.06 9.93 18.29
N ALA B 166 4.66 8.98 17.61
CA ALA B 166 3.96 8.12 16.67
C ALA B 166 3.95 6.72 17.27
N LEU B 167 2.80 6.06 17.24
CA LEU B 167 2.68 4.69 17.71
C LEU B 167 2.47 3.81 16.48
N TYR B 168 3.35 2.81 16.31
CA TYR B 168 3.18 1.81 15.26
C TYR B 168 2.57 0.56 15.88
N GLY B 169 1.27 0.64 16.14
CA GLY B 169 0.49 -0.45 16.72
C GLY B 169 -0.31 -1.20 15.67
N SER B 170 -1.55 -1.55 16.01
CA SER B 170 -2.40 -2.19 15.01
C SER B 170 -2.67 -1.24 13.84
N ALA B 171 -2.65 0.06 14.11
CA ALA B 171 -2.60 1.12 13.13
C ALA B 171 -1.52 2.10 13.57
N THR B 172 -1.15 3.02 12.69
CA THR B 172 -0.15 4.02 13.02
C THR B 172 -0.85 5.32 13.38
N MET B 173 -0.53 5.87 14.54
CA MET B 173 -1.13 7.10 15.01
C MET B 173 -0.06 8.05 15.50
N LEU B 174 -0.20 9.31 15.13
CA LEU B 174 0.66 10.39 15.59
C LEU B 174 -0.13 11.22 16.59
N VAL B 175 0.44 11.40 17.77
CA VAL B 175 -0.13 12.24 18.81
C VAL B 175 0.78 13.46 18.94
N LEU B 176 0.21 14.65 18.77
CA LEU B 176 0.96 15.89 18.75
C LEU B 176 0.42 16.87 19.79
N ALA B 177 1.30 17.35 20.66
CA ALA B 177 0.96 18.28 21.71
C ALA B 177 1.69 19.61 21.52
N MET B 178 0.92 20.69 21.61
CA MET B 178 1.43 22.06 21.57
C MET B 178 0.64 22.81 22.63
N ASP B 179 0.83 24.13 22.71
CA ASP B 179 0.04 24.91 23.66
C ASP B 179 -1.46 24.79 23.39
N CYS B 180 -1.87 24.78 22.12
CA CYS B 180 -3.29 24.67 21.75
C CYS B 180 -3.92 23.34 22.14
N GLY B 181 -3.17 22.39 22.66
CA GLY B 181 -3.71 21.13 23.12
C GLY B 181 -3.08 19.94 22.41
N VAL B 182 -3.74 18.80 22.57
CA VAL B 182 -3.27 17.52 22.08
C VAL B 182 -4.27 17.07 21.01
N ASN B 183 -3.75 16.62 19.88
CA ASN B 183 -4.55 16.18 18.75
C ASN B 183 -3.98 14.88 18.20
N CYS B 184 -4.87 13.98 17.75
CA CYS B 184 -4.47 12.64 17.34
C CYS B 184 -4.78 12.43 15.88
N PHE B 185 -3.80 11.96 15.13
CA PHE B 185 -3.93 11.76 13.69
C PHE B 185 -3.69 10.29 13.38
N MET B 186 -4.61 9.71 12.63
CA MET B 186 -4.48 8.33 12.15
C MET B 186 -3.94 8.33 10.74
N LEU B 187 -2.94 7.46 10.50
CA LEU B 187 -2.36 7.32 9.18
C LEU B 187 -3.25 6.45 8.28
N ASP B 188 -3.74 7.01 7.17
CA ASP B 188 -4.42 6.21 6.16
C ASP B 188 -3.38 5.65 5.19
N PRO B 189 -3.02 4.37 5.31
CA PRO B 189 -1.94 3.86 4.47
C PRO B 189 -2.28 3.80 2.98
N ALA B 190 -3.57 3.80 2.62
CA ALA B 190 -3.96 3.78 1.20
C ALA B 190 -3.48 5.02 0.47
N ILE B 191 -3.41 6.17 1.14
CA ILE B 191 -3.11 7.43 0.47
C ILE B 191 -1.97 8.15 1.18
N GLY B 192 -1.35 7.50 2.16
CA GLY B 192 -0.26 8.10 2.92
C GLY B 192 -0.53 9.49 3.50
N GLU B 193 -1.71 9.68 4.10
CA GLU B 193 -2.08 10.94 4.75
C GLU B 193 -2.45 10.69 6.21
N PHE B 194 -2.07 11.63 7.10
CA PHE B 194 -2.48 11.61 8.52
C PHE B 194 -3.81 12.35 8.70
N ILE B 195 -4.84 11.66 9.17
CA ILE B 195 -6.16 12.27 9.29
C ILE B 195 -6.44 12.60 10.75
N LEU B 196 -6.83 13.84 11.03
CA LEU B 196 -7.21 14.21 12.40
C LEU B 196 -8.46 13.43 12.81
N VAL B 197 -8.35 12.63 13.86
CA VAL B 197 -9.48 11.82 14.32
C VAL B 197 -9.89 12.13 15.75
N ASP B 198 -9.06 12.81 16.54
CA ASP B 198 -9.38 13.16 17.93
C ASP B 198 -8.88 14.58 18.20
N LYS B 199 -9.79 15.54 18.37
CA LYS B 199 -9.39 16.92 18.63
C LYS B 199 -9.40 17.23 20.12
N ASP B 200 -8.37 17.98 20.53
CA ASP B 200 -8.25 18.55 21.88
C ASP B 200 -8.53 17.50 22.94
N VAL B 201 -7.72 16.46 22.89
CA VAL B 201 -7.92 15.28 23.73
C VAL B 201 -7.64 15.62 25.18
N LYS B 202 -8.45 15.06 26.08
CA LYS B 202 -8.27 15.20 27.52
C LYS B 202 -8.39 13.83 28.17
N ILE B 203 -7.51 13.53 29.09
CA ILE B 203 -7.49 12.24 29.77
C ILE B 203 -8.58 12.18 30.84
N LYS B 204 -9.10 10.97 31.10
CA LYS B 204 -10.03 10.75 32.21
C LYS B 204 -9.46 11.26 33.54
N LYS B 205 -10.34 11.79 34.40
CA LYS B 205 -9.91 12.23 35.73
C LYS B 205 -9.36 11.06 36.56
N LYS B 206 -9.91 9.87 36.39
CA LYS B 206 -9.45 8.71 37.13
C LYS B 206 -9.66 7.48 36.25
N GLY B 207 -8.68 6.59 36.23
CA GLY B 207 -8.72 5.40 35.42
C GLY B 207 -8.92 4.16 36.24
N LYS B 208 -8.77 3.02 35.58
CA LYS B 208 -8.98 1.72 36.22
C LYS B 208 -7.87 0.75 35.84
N ILE B 209 -6.72 1.25 35.40
CA ILE B 209 -5.60 0.42 34.96
C ILE B 209 -4.30 1.00 35.50
N TYR B 210 -3.45 0.14 36.03
CA TYR B 210 -2.10 0.53 36.37
C TYR B 210 -1.14 -0.28 35.53
N SER B 211 0.02 0.30 35.27
CA SER B 211 0.95 -0.27 34.31
C SER B 211 2.36 -0.16 34.88
N LEU B 212 2.97 -1.28 35.20
CA LEU B 212 4.36 -1.32 35.61
C LEU B 212 4.84 -2.76 35.59
N ASN B 213 6.16 -2.92 35.48
CA ASN B 213 6.82 -4.23 35.51
C ASN B 213 6.88 -4.71 36.95
N GLU B 214 5.96 -5.59 37.36
CA GLU B 214 5.92 -6.03 38.75
C GLU B 214 7.03 -7.02 39.08
N GLY B 215 7.77 -7.51 38.08
CA GLY B 215 8.89 -8.40 38.33
C GLY B 215 10.02 -7.79 39.15
N TYR B 216 10.09 -6.48 39.24
CA TYR B 216 11.07 -5.83 40.10
C TYR B 216 10.52 -5.61 41.50
N ALA B 217 9.53 -6.40 41.91
CA ALA B 217 8.83 -6.18 43.16
C ALA B 217 9.77 -6.26 44.38
N LYS B 218 10.77 -7.14 44.33
CA LYS B 218 11.71 -7.26 45.45
C LYS B 218 12.47 -5.95 45.68
N ASP B 219 12.62 -5.12 44.64
CA ASP B 219 13.43 -3.92 44.71
C ASP B 219 12.63 -2.64 44.84
N PHE B 220 11.31 -2.71 44.88
CA PHE B 220 10.50 -1.50 44.91
C PHE B 220 10.74 -0.72 46.20
N ASP B 221 10.73 0.61 46.07
CA ASP B 221 10.60 1.49 47.21
C ASP B 221 9.29 1.18 47.96
N PRO B 222 9.27 1.36 49.27
CA PRO B 222 8.04 1.04 50.03
C PRO B 222 6.82 1.84 49.59
N ALA B 223 6.99 3.09 49.15
CA ALA B 223 5.84 3.82 48.63
C ALA B 223 5.23 3.12 47.43
N VAL B 224 6.06 2.58 46.54
CA VAL B 224 5.54 1.87 45.37
C VAL B 224 4.82 0.60 45.79
N THR B 225 5.47 -0.21 46.64
CA THR B 225 4.85 -1.45 47.10
C THR B 225 3.49 -1.21 47.74
N GLU B 226 3.38 -0.16 48.54
CA GLU B 226 2.09 0.14 49.16
C GLU B 226 1.10 0.68 48.14
N TYR B 227 1.54 1.56 47.24
CA TYR B 227 0.62 2.09 46.25
C TYR B 227 0.00 0.97 45.42
N ILE B 228 0.82 -0.01 45.03
CA ILE B 228 0.32 -1.12 44.23
C ILE B 228 -0.66 -1.96 45.02
N GLN B 229 -0.38 -2.20 46.30
CA GLN B 229 -1.25 -3.01 47.15
C GLN B 229 -2.64 -2.38 47.25
N ARG B 230 -2.71 -1.05 47.29
CA ARG B 230 -3.99 -0.37 47.26
C ARG B 230 -4.75 -0.62 45.96
N LYS B 231 -4.02 -0.82 44.86
CA LYS B 231 -4.67 -1.11 43.59
C LYS B 231 -5.23 -2.52 43.57
N LYS B 232 -4.59 -3.45 44.25
CA LYS B 232 -5.12 -4.80 44.31
C LYS B 232 -6.16 -4.99 45.40
N PHE B 233 -6.07 -4.24 46.51
CA PHE B 233 -6.97 -4.35 47.67
C PHE B 233 -7.42 -2.97 48.11
N PRO B 234 -8.39 -2.38 47.42
CA PRO B 234 -8.73 -0.93 47.61
C PRO B 234 -9.22 -0.61 49.02
N PRO B 235 -8.72 0.47 49.62
CA PRO B 235 -9.17 0.86 50.97
C PRO B 235 -10.59 1.42 51.03
N ASP B 236 -11.14 1.93 49.93
CA ASP B 236 -12.49 2.45 49.89
C ASP B 236 -13.50 1.41 49.40
N ASN B 237 -13.10 0.15 49.32
CA ASN B 237 -13.98 -0.94 48.90
C ASN B 237 -14.56 -0.71 47.50
N SER B 238 -13.70 -0.32 46.57
CA SER B 238 -14.08 -0.27 45.16
C SER B 238 -13.43 -1.44 44.42
N ALA B 239 -13.67 -1.49 43.11
CA ALA B 239 -13.18 -2.60 42.30
C ALA B 239 -11.67 -2.50 42.13
N PRO B 240 -10.92 -3.60 42.30
CA PRO B 240 -9.48 -3.54 42.03
C PRO B 240 -9.23 -3.17 40.59
N TYR B 241 -8.13 -2.46 40.37
CA TYR B 241 -7.66 -2.12 39.03
C TYR B 241 -7.23 -3.37 38.25
N GLY B 242 -7.34 -3.28 36.93
CA GLY B 242 -6.67 -4.22 36.06
C GLY B 242 -5.24 -3.79 35.83
N ALA B 243 -4.40 -4.76 35.47
CA ALA B 243 -3.02 -4.46 35.18
C ALA B 243 -2.76 -4.72 33.71
N ARG B 244 -2.05 -3.78 33.07
CA ARG B 244 -1.55 -3.97 31.71
C ARG B 244 -0.13 -3.48 31.66
N TYR B 245 0.77 -4.26 31.04
CA TYR B 245 2.15 -3.82 30.86
C TYR B 245 2.66 -4.41 29.55
N VAL B 246 2.68 -3.59 28.49
CA VAL B 246 3.14 -4.07 27.20
C VAL B 246 4.65 -4.18 27.19
N GLY B 247 5.35 -3.31 27.90
CA GLY B 247 6.78 -3.30 27.87
C GLY B 247 7.35 -2.36 26.84
N SER B 248 6.48 -1.76 26.03
CA SER B 248 6.86 -0.71 25.09
C SER B 248 6.33 0.59 25.65
N MET B 249 7.20 1.57 25.84
CA MET B 249 6.75 2.79 26.50
C MET B 249 5.63 3.50 25.73
N VAL B 250 5.76 3.65 24.40
CA VAL B 250 4.75 4.40 23.65
C VAL B 250 3.40 3.71 23.77
N ALA B 251 3.37 2.38 23.72
CA ALA B 251 2.09 1.69 23.80
C ALA B 251 1.45 1.85 25.18
N ASP B 252 2.25 1.69 26.24
CA ASP B 252 1.69 1.78 27.59
C ASP B 252 1.19 3.18 27.89
N VAL B 253 1.89 4.19 27.39
CA VAL B 253 1.46 5.56 27.65
C VAL B 253 0.25 5.91 26.79
N HIS B 254 0.21 5.44 25.54
CA HIS B 254 -0.93 5.76 24.70
C HIS B 254 -2.23 5.15 25.25
N ARG B 255 -2.17 3.90 25.69
CA ARG B 255 -3.32 3.27 26.35
C ARG B 255 -3.73 4.06 27.60
N THR B 256 -2.75 4.54 28.37
CA THR B 256 -3.06 5.37 29.52
C THR B 256 -3.78 6.64 29.10
N LEU B 257 -3.37 7.23 27.98
CA LEU B 257 -4.02 8.46 27.52
C LEU B 257 -5.45 8.19 27.09
N VAL B 258 -5.69 7.05 26.45
CA VAL B 258 -6.98 6.78 25.83
C VAL B 258 -7.98 6.29 26.87
N TYR B 259 -7.54 5.43 27.77
CA TYR B 259 -8.43 4.81 28.74
C TYR B 259 -8.35 5.44 30.12
N GLY B 260 -7.34 6.27 30.40
CA GLY B 260 -7.10 6.72 31.75
C GLY B 260 -6.29 5.68 32.53
N GLY B 261 -5.92 6.04 33.75
CA GLY B 261 -5.14 5.15 34.58
C GLY B 261 -3.76 5.73 34.90
N ILE B 262 -2.81 4.84 35.12
CA ILE B 262 -1.52 5.25 35.62
C ILE B 262 -0.43 4.35 35.06
N PHE B 263 0.70 4.95 34.74
CA PHE B 263 1.90 4.26 34.30
C PHE B 263 3.05 4.61 35.25
N LEU B 264 3.79 3.61 35.68
CA LEU B 264 4.90 3.83 36.61
C LEU B 264 6.14 3.11 36.11
N TYR B 265 7.25 3.84 36.05
CA TYR B 265 8.59 3.28 35.95
C TYR B 265 9.47 3.88 37.04
N PRO B 266 9.37 3.36 38.27
CA PRO B 266 10.08 3.92 39.43
C PRO B 266 11.50 3.36 39.49
N ALA B 267 12.29 3.88 40.44
CA ALA B 267 13.64 3.38 40.61
C ALA B 267 13.66 1.93 41.08
N ASN B 268 14.68 1.19 40.61
CA ASN B 268 14.98 -0.16 41.08
C ASN B 268 16.51 -0.23 41.29
N LYS B 269 17.01 -1.43 41.59
CA LYS B 269 18.43 -1.54 41.90
C LYS B 269 19.31 -1.50 40.65
N LYS B 270 18.82 -1.96 39.49
CA LYS B 270 19.60 -1.74 38.27
C LYS B 270 19.51 -0.29 37.80
N SER B 271 18.51 0.45 38.26
CA SER B 271 18.26 1.81 37.81
C SER B 271 17.81 2.67 38.99
N PRO B 272 18.74 3.05 39.87
CA PRO B 272 18.35 3.82 41.07
C PRO B 272 17.83 5.22 40.76
N ASN B 273 18.07 5.74 39.55
CA ASN B 273 17.48 6.99 39.08
C ASN B 273 16.44 6.73 38.00
N GLY B 274 15.89 5.51 37.96
CA GLY B 274 14.97 5.09 36.94
C GLY B 274 15.70 4.61 35.70
N LYS B 275 14.93 4.16 34.73
CA LYS B 275 15.49 3.60 33.51
C LYS B 275 15.26 4.48 32.30
N LEU B 276 14.12 5.15 32.20
CA LEU B 276 13.81 5.89 31.00
C LEU B 276 14.60 7.19 30.96
N ARG B 277 14.85 7.67 29.74
CA ARG B 277 15.67 8.86 29.54
C ARG B 277 14.83 10.13 29.59
N LEU B 278 15.38 11.13 30.27
CA LEU B 278 14.61 12.33 30.57
C LEU B 278 14.35 13.15 29.31
N LEU B 279 15.36 13.30 28.46
CA LEU B 279 15.26 14.29 27.39
C LEU B 279 14.34 13.83 26.27
N TYR B 280 14.43 12.56 25.87
CA TYR B 280 13.73 12.11 24.68
C TYR B 280 12.73 11.00 24.96
N GLU B 281 12.45 10.70 26.22
CA GLU B 281 11.34 9.80 26.52
C GLU B 281 10.46 10.48 27.54
N CYS B 282 11.00 10.79 28.74
CA CYS B 282 10.17 11.29 29.84
C CYS B 282 9.57 12.66 29.55
N ASN B 283 10.39 13.64 29.18
CA ASN B 283 9.85 14.99 29.00
C ASN B 283 8.75 15.05 27.94
N PRO B 284 8.95 14.55 26.71
CA PRO B 284 7.85 14.65 25.73
C PRO B 284 6.58 13.97 26.22
N MET B 285 6.69 12.80 26.84
CA MET B 285 5.50 12.15 27.36
C MET B 285 4.85 12.97 28.46
N ALA B 286 5.66 13.64 29.30
CA ALA B 286 5.08 14.48 30.35
C ALA B 286 4.40 15.70 29.74
N TYR B 287 4.98 16.23 28.66
CA TYR B 287 4.36 17.36 28.00
C TYR B 287 3.01 16.96 27.42
N VAL B 288 2.93 15.78 26.80
CA VAL B 288 1.65 15.29 26.28
C VAL B 288 0.65 15.09 27.41
N MET B 289 1.09 14.46 28.50
CA MET B 289 0.22 14.24 29.66
C MET B 289 -0.33 15.55 30.20
N GLU B 290 0.53 16.53 30.42
CA GLU B 290 0.07 17.77 31.04
C GLU B 290 -0.84 18.53 30.10
N LYS B 291 -0.52 18.57 28.82
CA LYS B 291 -1.39 19.24 27.86
C LYS B 291 -2.73 18.53 27.73
N ALA B 292 -2.82 17.25 28.10
CA ALA B 292 -4.09 16.51 28.14
C ALA B 292 -4.78 16.57 29.49
N GLY B 293 -4.30 17.40 30.41
CA GLY B 293 -4.91 17.47 31.73
C GLY B 293 -4.52 16.33 32.67
N GLY B 294 -3.46 15.59 32.35
CA GLY B 294 -2.93 14.60 33.25
C GLY B 294 -1.74 15.15 34.01
N MET B 295 -1.03 14.26 34.69
CA MET B 295 0.10 14.61 35.55
C MET B 295 1.30 13.72 35.26
N ALA B 296 2.49 14.24 35.59
CA ALA B 296 3.74 13.48 35.39
C ALA B 296 4.78 13.95 36.42
N THR B 297 5.16 13.06 37.31
CA THR B 297 6.02 13.38 38.45
C THR B 297 7.13 12.34 38.58
N THR B 298 8.24 12.76 39.17
CA THR B 298 9.31 11.85 39.57
C THR B 298 9.10 11.28 40.96
N GLY B 299 8.13 11.81 41.71
CA GLY B 299 8.00 11.55 43.13
C GLY B 299 8.34 12.80 43.93
N LYS B 300 9.46 13.44 43.60
CA LYS B 300 9.86 14.67 44.30
C LYS B 300 9.46 15.94 43.57
N GLU B 301 9.33 15.91 42.24
CA GLU B 301 8.99 17.11 41.50
C GLU B 301 8.38 16.72 40.16
N ALA B 302 7.83 17.71 39.47
CA ALA B 302 7.32 17.48 38.12
C ALA B 302 8.47 17.10 37.19
N VAL B 303 8.19 16.14 36.30
CA VAL B 303 9.19 15.73 35.31
C VAL B 303 9.68 16.94 34.54
N LEU B 304 8.77 17.83 34.18
CA LEU B 304 9.10 18.98 33.35
C LEU B 304 9.95 20.03 34.06
N ASP B 305 10.10 19.95 35.39
CA ASP B 305 10.90 20.90 36.15
C ASP B 305 12.33 20.42 36.43
N VAL B 306 12.63 19.15 36.18
CA VAL B 306 13.99 18.65 36.37
C VAL B 306 14.92 19.37 35.39
N ILE B 307 16.00 19.96 35.92
CA ILE B 307 17.00 20.62 35.10
C ILE B 307 18.10 19.60 34.79
N PRO B 308 18.28 19.19 33.55
CA PRO B 308 19.23 18.12 33.25
C PRO B 308 20.67 18.62 33.22
N THR B 309 21.58 17.70 33.56
CA THR B 309 23.01 17.95 33.42
C THR B 309 23.71 17.06 32.40
N ASP B 310 23.06 16.00 31.93
CA ASP B 310 23.59 15.11 30.92
C ASP B 310 22.46 14.73 29.95
N ILE B 311 22.75 14.75 28.64
CA ILE B 311 21.70 14.54 27.64
C ILE B 311 21.10 13.15 27.74
N HIS B 312 21.82 12.19 28.34
CA HIS B 312 21.33 10.82 28.46
C HIS B 312 20.94 10.47 29.90
N GLN B 313 20.67 11.46 30.74
CA GLN B 313 20.38 11.13 32.12
C GLN B 313 18.98 10.56 32.25
N ARG B 314 18.82 9.71 33.25
CA ARG B 314 17.59 9.01 33.50
C ARG B 314 16.71 9.75 34.50
N ALA B 315 15.45 9.32 34.57
CA ALA B 315 14.49 9.88 35.48
C ALA B 315 13.48 8.82 35.87
N PRO B 316 13.08 8.76 37.14
CA PRO B 316 11.90 7.96 37.47
C PRO B 316 10.67 8.71 37.01
N VAL B 317 9.63 7.97 36.62
CA VAL B 317 8.41 8.58 36.05
C VAL B 317 7.15 7.88 36.53
N ILE B 318 6.20 8.67 37.03
CA ILE B 318 4.83 8.25 37.31
C ILE B 318 3.92 9.23 36.58
N LEU B 319 3.02 8.72 35.73
CA LEU B 319 2.18 9.62 34.96
C LEU B 319 0.82 9.02 34.65
N GLY B 320 -0.14 9.89 34.33
CA GLY B 320 -1.44 9.44 33.92
C GLY B 320 -2.59 10.30 34.43
N SER B 321 -3.74 9.66 34.68
CA SER B 321 -4.90 10.39 35.18
C SER B 321 -4.54 11.09 36.49
N PRO B 322 -4.97 12.33 36.69
CA PRO B 322 -4.50 13.10 37.85
C PRO B 322 -4.93 12.52 39.19
N ASP B 323 -6.13 11.94 39.31
CA ASP B 323 -6.51 11.34 40.59
C ASP B 323 -5.58 10.19 40.98
N ASP B 324 -5.17 9.39 40.00
CA ASP B 324 -4.28 8.27 40.28
C ASP B 324 -2.87 8.75 40.65
N VAL B 325 -2.35 9.77 39.96
CA VAL B 325 -1.02 10.25 40.32
C VAL B 325 -1.05 10.94 41.69
N LEU B 326 -2.08 11.75 41.96
CA LEU B 326 -2.19 12.38 43.28
C LEU B 326 -2.30 11.34 44.38
N GLU B 327 -3.04 10.25 44.11
CA GLU B 327 -3.12 9.16 45.08
C GLU B 327 -1.74 8.58 45.37
N PHE B 328 -0.92 8.43 44.34
CA PHE B 328 0.44 7.91 44.54
C PHE B 328 1.30 8.89 45.31
N LEU B 329 1.20 10.19 45.00
CA LEU B 329 1.96 11.20 45.73
C LEU B 329 1.56 11.25 47.20
N LYS B 330 0.31 10.94 47.53
CA LYS B 330 -0.06 10.90 48.94
C LYS B 330 0.62 9.72 49.64
N VAL B 331 0.69 8.56 48.99
CA VAL B 331 1.43 7.45 49.59
C VAL B 331 2.91 7.81 49.68
N TYR B 332 3.44 8.45 48.63
CA TYR B 332 4.86 8.81 48.61
C TYR B 332 5.19 9.81 49.71
N GLU B 333 4.33 10.80 49.93
CA GLU B 333 4.60 11.79 50.96
C GLU B 333 4.44 11.20 52.34
N LYS B 334 3.44 10.34 52.54
CA LYS B 334 3.29 9.65 53.82
C LYS B 334 4.55 8.85 54.16
N HIS B 335 5.28 8.39 53.14
CA HIS B 335 6.56 7.74 53.38
C HIS B 335 7.69 8.75 53.38
N SER B 336 7.37 9.99 53.73
CA SER B 336 8.30 11.13 53.79
C SER B 336 8.92 11.44 52.44
N ASP C 10 -20.02 -14.72 -6.67
CA ASP C 10 -19.21 -15.54 -5.76
C ASP C 10 -17.72 -15.24 -5.97
N VAL C 11 -17.07 -14.62 -4.98
CA VAL C 11 -15.74 -14.05 -5.21
C VAL C 11 -14.75 -15.17 -5.53
N ASN C 12 -13.82 -14.88 -6.44
CA ASN C 12 -12.86 -15.85 -6.94
C ASN C 12 -11.50 -15.19 -7.13
N THR C 13 -10.43 -15.87 -6.71
CA THR C 13 -9.08 -15.34 -6.86
C THR C 13 -8.29 -16.17 -7.85
N LEU C 14 -7.17 -15.60 -8.31
CA LEU C 14 -6.27 -16.32 -9.20
C LEU C 14 -5.77 -17.61 -8.53
N THR C 15 -5.35 -17.51 -7.27
CA THR C 15 -4.93 -18.69 -6.52
C THR C 15 -6.02 -19.76 -6.49
N ARG C 16 -7.26 -19.38 -6.15
CA ARG C 16 -8.35 -20.34 -6.14
C ARG C 16 -8.63 -20.86 -7.53
N PHE C 17 -8.65 -19.96 -8.54
CA PHE C 17 -8.91 -20.37 -9.93
C PHE C 17 -7.92 -21.41 -10.41
N VAL C 18 -6.61 -21.13 -10.25
CA VAL C 18 -5.59 -21.99 -10.81
C VAL C 18 -5.61 -23.36 -10.12
N MET C 19 -5.84 -23.39 -8.80
CA MET C 19 -5.92 -24.67 -8.07
C MET C 19 -7.13 -25.50 -8.52
N GLU C 20 -8.27 -24.86 -8.72
CA GLU C 20 -9.43 -25.61 -9.17
C GLU C 20 -9.22 -26.16 -10.59
N GLU C 21 -8.51 -25.43 -11.46
CA GLU C 21 -8.24 -25.99 -12.78
C GLU C 21 -7.34 -27.22 -12.69
N GLY C 22 -6.34 -27.20 -11.79
CA GLY C 22 -5.50 -28.37 -11.61
C GLY C 22 -6.23 -29.56 -11.00
N ARG C 23 -7.11 -29.31 -10.01
CA ARG C 23 -7.89 -30.41 -9.43
C ARG C 23 -8.75 -31.08 -10.49
N LYS C 24 -9.40 -30.30 -11.36
CA LYS C 24 -10.14 -30.87 -12.47
C LYS C 24 -9.26 -31.77 -13.33
N ALA C 25 -8.03 -31.35 -13.60
CA ALA C 25 -7.20 -32.05 -14.57
C ALA C 25 -6.37 -33.19 -13.97
N ARG C 26 -6.07 -33.16 -12.67
CA ARG C 26 -5.33 -34.22 -11.97
C ARG C 26 -3.96 -34.48 -12.60
N GLY C 27 -3.22 -33.40 -12.84
CA GLY C 27 -1.84 -33.47 -13.28
C GLY C 27 -0.83 -33.57 -12.14
N THR C 28 0.44 -33.48 -12.52
CA THR C 28 1.54 -33.61 -11.56
C THR C 28 1.66 -32.38 -10.66
N GLY C 29 0.96 -31.30 -10.97
CA GLY C 29 1.00 -30.12 -10.14
C GLY C 29 2.00 -29.06 -10.53
N GLU C 30 2.91 -29.36 -11.46
CA GLU C 30 3.99 -28.44 -11.81
C GLU C 30 3.44 -27.14 -12.39
N LEU C 31 2.44 -27.23 -13.27
CA LEU C 31 1.91 -26.02 -13.92
C LEU C 31 1.26 -25.08 -12.91
N THR C 32 0.59 -25.65 -11.91
CA THR C 32 -0.02 -24.84 -10.86
C THR C 32 1.05 -24.11 -10.05
N GLN C 33 2.14 -24.78 -9.73
CA GLN C 33 3.21 -24.10 -9.03
C GLN C 33 3.85 -23.02 -9.90
N LEU C 34 3.94 -23.24 -11.22
CA LEU C 34 4.49 -22.23 -12.12
C LEU C 34 3.65 -20.96 -12.13
N LEU C 35 2.33 -21.10 -12.29
CA LEU C 35 1.46 -19.93 -12.31
C LEU C 35 1.44 -19.22 -10.97
N ASN C 36 1.57 -19.96 -9.88
CA ASN C 36 1.69 -19.32 -8.55
C ASN C 36 2.97 -18.49 -8.45
N SER C 37 4.10 -19.02 -8.96
CA SER C 37 5.31 -18.22 -8.99
C SER C 37 5.13 -16.99 -9.84
N LEU C 38 4.54 -17.16 -11.03
CA LEU C 38 4.39 -16.06 -11.96
C LEU C 38 3.54 -14.96 -11.33
N CYS C 39 2.49 -15.35 -10.61
CA CYS C 39 1.64 -14.42 -9.90
C CYS C 39 2.44 -13.58 -8.92
N THR C 40 3.29 -14.23 -8.12
CA THR C 40 4.07 -13.48 -7.15
C THR C 40 4.98 -12.48 -7.84
N ALA C 41 5.65 -12.90 -8.92
CA ALA C 41 6.56 -12.02 -9.64
C ALA C 41 5.82 -10.81 -10.20
N VAL C 42 4.61 -11.03 -10.73
CA VAL C 42 3.81 -9.93 -11.27
C VAL C 42 3.46 -8.93 -10.17
N LYS C 43 3.14 -9.41 -8.97
CA LYS C 43 2.85 -8.48 -7.89
C LYS C 43 4.10 -7.67 -7.50
N ALA C 44 5.27 -8.30 -7.54
CA ALA C 44 6.50 -7.61 -7.18
C ALA C 44 6.92 -6.61 -8.26
N ILE C 45 6.74 -6.97 -9.53
CA ILE C 45 7.05 -6.03 -10.61
C ILE C 45 6.12 -4.83 -10.55
N SER C 46 4.82 -5.09 -10.38
CA SER C 46 3.85 -4.02 -10.30
C SER C 46 4.23 -3.06 -9.18
N SER C 47 4.67 -3.61 -8.05
CA SER C 47 5.09 -2.78 -6.93
C SER C 47 6.25 -1.86 -7.29
N ALA C 48 7.23 -2.39 -8.04
CA ALA C 48 8.37 -1.58 -8.49
C ALA C 48 7.98 -0.62 -9.62
N VAL C 49 7.10 -1.04 -10.53
CA VAL C 49 6.70 -0.15 -11.61
C VAL C 49 5.99 1.07 -11.06
N ARG C 50 5.22 0.92 -9.98
CA ARG C 50 4.51 2.04 -9.36
C ARG C 50 5.44 2.91 -8.51
N LYS C 51 6.72 2.54 -8.43
CA LYS C 51 7.79 3.31 -7.79
C LYS C 51 7.75 3.24 -6.27
N ALA C 52 7.23 2.15 -5.69
CA ALA C 52 7.32 1.96 -4.23
C ALA C 52 8.77 1.96 -3.78
N GLY C 53 9.10 2.85 -2.83
CA GLY C 53 10.44 3.01 -2.30
C GLY C 53 11.33 4.06 -2.99
N ILE C 54 10.83 4.75 -4.01
CA ILE C 54 11.64 5.72 -4.75
C ILE C 54 12.20 6.81 -3.85
N ALA C 55 11.53 7.12 -2.72
CA ALA C 55 12.06 8.14 -1.81
C ALA C 55 13.43 7.75 -1.24
N HIS C 56 13.71 6.45 -1.11
CA HIS C 56 15.03 6.04 -0.63
C HIS C 56 16.11 6.30 -1.68
N LEU C 57 15.79 6.12 -2.97
CA LEU C 57 16.73 6.48 -4.02
C LEU C 57 17.05 7.96 -4.02
N TYR C 58 16.12 8.79 -3.57
CA TYR C 58 16.30 10.24 -3.62
C TYR C 58 16.77 10.79 -2.27
N GLY C 59 17.29 9.91 -1.41
CA GLY C 59 18.05 10.36 -0.26
C GLY C 59 17.25 10.64 0.99
N ILE C 60 16.07 10.03 1.15
CA ILE C 60 15.25 10.29 2.33
C ILE C 60 15.98 9.85 3.60
N ALA C 61 16.91 8.91 3.50
CA ALA C 61 17.70 8.46 4.63
C ALA C 61 19.15 8.90 4.56
N GLY C 62 19.43 9.98 3.82
CA GLY C 62 20.80 10.43 3.61
C GLY C 62 21.36 9.98 2.27
N LYS C 72 18.84 -1.75 -9.16
CA LYS C 72 18.75 -2.27 -10.53
C LYS C 72 17.84 -1.40 -11.39
N LYS C 73 18.18 -1.28 -12.68
CA LYS C 73 17.21 -0.81 -13.65
C LYS C 73 15.92 -1.62 -13.54
N LEU C 74 14.81 -0.98 -13.87
CA LEU C 74 13.50 -1.58 -13.64
C LEU C 74 13.33 -2.88 -14.42
N ASP C 75 13.81 -2.92 -15.66
CA ASP C 75 13.70 -4.14 -16.46
C ASP C 75 14.72 -5.22 -16.07
N VAL C 76 15.85 -4.84 -15.48
CA VAL C 76 16.74 -5.85 -14.96
C VAL C 76 16.15 -6.48 -13.71
N LEU C 77 15.58 -5.65 -12.82
CA LEU C 77 14.94 -6.18 -11.62
C LEU C 77 13.75 -7.07 -12.02
N SER C 78 12.98 -6.64 -13.02
CA SER C 78 11.85 -7.44 -13.48
C SER C 78 12.33 -8.79 -13.97
N ASN C 79 13.44 -8.79 -14.70
CA ASN C 79 13.98 -10.04 -15.21
C ASN C 79 14.43 -10.96 -14.08
N ASP C 80 15.09 -10.38 -13.06
CA ASP C 80 15.54 -11.20 -11.93
C ASP C 80 14.38 -11.75 -11.12
N LEU C 81 13.27 -11.01 -11.02
CA LEU C 81 12.10 -11.52 -10.31
C LEU C 81 11.49 -12.71 -11.03
N VAL C 82 11.18 -12.58 -12.33
CA VAL C 82 10.59 -13.68 -13.08
C VAL C 82 11.54 -14.87 -13.09
N MET C 83 12.81 -14.65 -13.43
CA MET C 83 13.80 -15.73 -13.46
C MET C 83 13.86 -16.46 -12.14
N ASN C 84 13.98 -15.70 -11.04
CA ASN C 84 14.16 -16.33 -9.74
C ASN C 84 12.87 -17.01 -9.29
N MET C 85 11.72 -16.38 -9.51
CA MET C 85 10.47 -17.01 -9.12
C MET C 85 10.23 -18.28 -9.94
N LEU C 86 10.50 -18.25 -11.26
CA LEU C 86 10.27 -19.42 -12.11
C LEU C 86 11.22 -20.56 -11.77
N LYS C 87 12.52 -20.27 -11.58
CA LYS C 87 13.49 -21.29 -11.19
C LYS C 87 13.12 -21.97 -9.89
N SER C 88 12.69 -21.20 -8.89
CA SER C 88 12.39 -21.75 -7.58
C SER C 88 11.09 -22.53 -7.57
N SER C 89 10.32 -22.47 -8.65
CA SER C 89 9.07 -23.22 -8.73
C SER C 89 9.29 -24.71 -8.94
N PHE C 90 10.48 -25.14 -9.36
CA PHE C 90 10.76 -26.53 -9.71
C PHE C 90 9.89 -27.04 -10.86
N ALA C 91 9.38 -26.15 -11.70
CA ALA C 91 8.48 -26.57 -12.76
C ALA C 91 9.03 -26.31 -14.15
N THR C 92 10.18 -25.64 -14.25
CA THR C 92 10.74 -25.19 -15.51
C THR C 92 12.11 -25.81 -15.71
N CYS C 93 12.52 -25.90 -16.98
CA CYS C 93 13.86 -26.35 -17.29
C CYS C 93 14.60 -25.46 -18.28
N VAL C 94 13.90 -24.68 -19.10
CA VAL C 94 14.51 -23.74 -20.05
C VAL C 94 13.78 -22.40 -19.97
N LEU C 95 14.54 -21.31 -19.90
CA LEU C 95 13.98 -19.97 -19.81
C LEU C 95 14.51 -19.08 -20.92
N VAL C 96 13.60 -18.44 -21.65
CA VAL C 96 13.96 -17.46 -22.66
C VAL C 96 13.38 -16.12 -22.22
N SER C 97 14.25 -15.14 -22.06
CA SER C 97 13.85 -13.79 -21.70
C SER C 97 14.32 -12.81 -22.77
N GLU C 98 13.51 -11.79 -23.03
CA GLU C 98 13.95 -10.70 -23.88
C GLU C 98 15.26 -10.07 -23.39
N GLU C 99 15.58 -10.23 -22.11
CA GLU C 99 16.72 -9.55 -21.50
C GLU C 99 18.01 -10.35 -21.62
N ASP C 100 17.94 -11.63 -21.99
CA ASP C 100 19.12 -12.50 -22.07
C ASP C 100 19.38 -12.92 -23.51
N LYS C 101 20.64 -12.84 -23.93
CA LYS C 101 21.01 -13.21 -25.29
C LYS C 101 20.80 -14.71 -25.52
N HIS C 102 21.22 -15.54 -24.59
CA HIS C 102 21.02 -16.99 -24.71
C HIS C 102 19.97 -17.49 -23.74
N ALA C 103 19.40 -18.64 -24.07
CA ALA C 103 18.43 -19.27 -23.20
C ALA C 103 19.11 -19.66 -21.90
N ILE C 104 18.36 -19.58 -20.83
CA ILE C 104 18.81 -19.99 -19.52
C ILE C 104 18.39 -21.43 -19.28
N ILE C 105 19.34 -22.29 -18.93
CA ILE C 105 19.06 -23.66 -18.57
C ILE C 105 19.03 -23.76 -17.05
N VAL C 106 17.90 -24.18 -16.50
CA VAL C 106 17.75 -24.32 -15.06
C VAL C 106 18.68 -25.43 -14.55
N GLU C 107 19.22 -25.25 -13.35
CA GLU C 107 20.10 -26.24 -12.79
C GLU C 107 19.34 -27.53 -12.43
N PRO C 108 20.02 -28.68 -12.46
CA PRO C 108 19.30 -29.97 -12.34
C PRO C 108 18.46 -30.15 -11.10
N GLU C 109 18.89 -29.66 -9.94
CA GLU C 109 18.12 -29.90 -8.72
C GLU C 109 16.77 -29.19 -8.75
N LYS C 110 16.60 -28.19 -9.60
CA LYS C 110 15.37 -27.40 -9.67
C LYS C 110 14.58 -27.64 -10.95
N ARG C 111 14.94 -28.65 -11.75
CA ARG C 111 14.43 -28.76 -13.11
C ARG C 111 13.03 -29.40 -13.14
N GLY C 112 12.12 -28.76 -13.85
CA GLY C 112 10.83 -29.36 -14.12
C GLY C 112 10.66 -29.58 -15.60
N LYS C 113 9.44 -29.69 -16.11
CA LYS C 113 9.25 -30.10 -17.47
C LYS C 113 8.79 -28.98 -18.41
N TYR C 114 8.66 -27.74 -17.93
CA TYR C 114 8.12 -26.67 -18.74
C TYR C 114 9.21 -25.72 -19.25
N VAL C 115 8.97 -25.20 -20.45
CA VAL C 115 9.76 -24.16 -21.10
C VAL C 115 8.92 -22.90 -21.05
N VAL C 116 9.51 -21.79 -20.64
CA VAL C 116 8.78 -20.53 -20.50
C VAL C 116 9.49 -19.42 -21.27
N CYS C 117 8.74 -18.74 -22.12
CA CYS C 117 9.21 -17.57 -22.86
C CYS C 117 8.52 -16.33 -22.33
N PHE C 118 9.29 -15.29 -22.03
CA PHE C 118 8.67 -14.13 -21.42
C PHE C 118 9.45 -12.88 -21.76
N ASP C 119 8.74 -11.77 -21.75
CA ASP C 119 9.31 -10.43 -21.80
C ASP C 119 9.04 -9.80 -20.45
N PRO C 120 10.04 -9.63 -19.57
CA PRO C 120 9.73 -9.21 -18.19
C PRO C 120 9.13 -7.82 -18.09
N LEU C 121 9.43 -6.91 -19.02
CA LEU C 121 8.88 -5.56 -18.88
C LEU C 121 8.78 -4.96 -20.28
N ASP C 122 7.73 -5.37 -21.00
CA ASP C 122 7.52 -4.92 -22.37
C ASP C 122 7.12 -3.45 -22.39
N GLY C 123 7.74 -2.69 -23.28
CA GLY C 123 7.48 -1.27 -23.37
C GLY C 123 8.37 -0.37 -22.55
N SER C 124 9.40 -0.90 -21.89
CA SER C 124 10.20 -0.06 -21.00
C SER C 124 11.08 0.97 -21.73
N SER C 125 11.16 0.93 -23.06
CA SER C 125 11.84 2.02 -23.77
C SER C 125 11.18 3.37 -23.47
N ASN C 126 9.86 3.38 -23.32
CA ASN C 126 9.13 4.61 -23.12
C ASN C 126 8.56 4.76 -21.70
N ILE C 127 9.08 4.00 -20.72
CA ILE C 127 8.63 4.19 -19.36
C ILE C 127 9.08 5.54 -18.81
N ASP C 128 10.00 6.20 -19.51
CA ASP C 128 10.42 7.55 -19.17
C ASP C 128 9.23 8.50 -19.06
N CYS C 129 8.17 8.24 -19.83
CA CYS C 129 6.97 9.06 -19.84
C CYS C 129 5.78 8.40 -19.14
N LEU C 130 6.02 7.33 -18.36
CA LEU C 130 4.98 6.66 -17.57
C LEU C 130 3.92 6.04 -18.46
N VAL C 131 4.30 5.69 -19.69
CA VAL C 131 3.40 4.93 -20.54
C VAL C 131 3.15 3.58 -19.87
N SER C 132 1.96 3.02 -20.14
CA SER C 132 1.67 1.65 -19.71
C SER C 132 2.81 0.73 -20.13
N VAL C 133 3.19 -0.18 -19.23
CA VAL C 133 4.15 -1.22 -19.52
C VAL C 133 3.50 -2.54 -19.16
N GLY C 134 4.20 -3.64 -19.45
CA GLY C 134 3.60 -4.94 -19.26
C GLY C 134 4.62 -6.05 -19.21
N THR C 135 4.12 -7.22 -18.81
CA THR C 135 4.87 -8.47 -18.81
C THR C 135 4.11 -9.48 -19.65
N ILE C 136 4.82 -10.20 -20.49
CA ILE C 136 4.22 -11.21 -21.35
C ILE C 136 4.95 -12.52 -21.07
N PHE C 137 4.21 -13.63 -21.06
CA PHE C 137 4.80 -14.94 -20.86
C PHE C 137 4.09 -15.98 -21.73
N GLY C 138 4.83 -17.02 -22.09
CA GLY C 138 4.29 -18.17 -22.78
C GLY C 138 4.96 -19.44 -22.28
N ILE C 139 4.18 -20.51 -22.13
CA ILE C 139 4.63 -21.73 -21.46
C ILE C 139 4.43 -22.91 -22.40
N TYR C 140 5.49 -23.67 -22.64
CA TYR C 140 5.43 -24.91 -23.41
C TYR C 140 5.88 -26.10 -22.54
N ARG C 141 5.40 -27.27 -22.91
CA ARG C 141 5.93 -28.51 -22.36
C ARG C 141 7.13 -28.89 -23.21
N LYS C 142 8.22 -29.27 -22.55
CA LYS C 142 9.42 -29.68 -23.28
C LYS C 142 9.11 -30.95 -24.07
N LYS C 143 9.44 -30.93 -25.36
CA LYS C 143 8.95 -31.95 -26.28
C LYS C 143 9.93 -33.10 -26.48
N SER C 144 11.23 -32.84 -26.53
CA SER C 144 12.18 -33.90 -26.80
C SER C 144 12.78 -34.41 -25.50
N THR C 145 13.48 -35.54 -25.60
CA THR C 145 14.11 -36.15 -24.44
C THR C 145 15.58 -35.81 -24.27
N ASP C 146 16.17 -35.04 -25.17
CA ASP C 146 17.56 -34.67 -24.98
C ASP C 146 17.71 -33.81 -23.73
N GLU C 147 18.95 -33.64 -23.28
CA GLU C 147 19.22 -32.74 -22.18
C GLU C 147 18.75 -31.34 -22.57
N PRO C 148 18.22 -30.55 -21.62
CA PRO C 148 17.70 -29.22 -21.97
C PRO C 148 18.73 -28.33 -22.66
N SER C 149 18.26 -27.59 -23.65
CA SER C 149 19.09 -26.68 -24.43
C SER C 149 18.19 -25.63 -25.05
N GLU C 150 18.81 -24.67 -25.71
CA GLU C 150 18.07 -23.63 -26.40
C GLU C 150 17.07 -24.20 -27.44
N LYS C 151 17.35 -25.38 -28.00
CA LYS C 151 16.44 -25.95 -29.01
C LYS C 151 15.02 -26.14 -28.48
N ASP C 152 14.87 -26.38 -27.19
CA ASP C 152 13.57 -26.71 -26.62
C ASP C 152 12.58 -25.55 -26.66
N ALA C 153 13.04 -24.32 -26.87
CA ALA C 153 12.13 -23.19 -27.03
C ALA C 153 11.75 -22.92 -28.47
N LEU C 154 12.30 -23.67 -29.43
CA LEU C 154 11.97 -23.47 -30.84
C LEU C 154 10.75 -24.31 -31.25
N GLN C 155 9.61 -24.02 -30.59
CA GLN C 155 8.34 -24.68 -30.90
C GLN C 155 7.36 -23.66 -31.45
N PRO C 156 6.46 -24.09 -32.33
CA PRO C 156 5.43 -23.19 -32.82
C PRO C 156 4.40 -22.85 -31.74
N GLY C 157 3.78 -21.68 -31.90
CA GLY C 157 2.79 -21.20 -30.94
C GLY C 157 1.66 -22.20 -30.70
N ARG C 158 1.36 -23.04 -31.69
CA ARG C 158 0.34 -24.08 -31.52
C ARG C 158 0.60 -24.98 -30.32
N ASN C 159 1.85 -25.13 -29.87
CA ASN C 159 2.16 -26.04 -28.78
C ASN C 159 2.01 -25.40 -27.41
N LEU C 160 1.56 -24.15 -27.33
CA LEU C 160 1.42 -23.48 -26.04
C LEU C 160 0.40 -24.18 -25.14
N VAL C 161 0.80 -24.37 -23.89
CA VAL C 161 -0.06 -24.88 -22.85
C VAL C 161 -0.87 -23.77 -22.19
N ALA C 162 -0.29 -22.57 -22.11
CA ALA C 162 -0.83 -21.42 -21.42
C ALA C 162 -0.03 -20.20 -21.85
N ALA C 163 -0.67 -19.05 -21.77
CA ALA C 163 -0.05 -17.79 -22.14
C ALA C 163 -0.82 -16.66 -21.49
N GLY C 164 -0.18 -15.51 -21.39
CA GLY C 164 -0.85 -14.35 -20.83
C GLY C 164 0.09 -13.18 -20.67
N TYR C 165 -0.47 -12.11 -20.09
CA TYR C 165 0.27 -10.89 -19.93
C TYR C 165 -0.25 -10.14 -18.71
N ALA C 166 0.62 -9.34 -18.11
CA ALA C 166 0.22 -8.38 -17.08
C ALA C 166 0.40 -6.98 -17.63
N LEU C 167 -0.62 -6.16 -17.45
CA LEU C 167 -0.63 -4.77 -17.88
C LEU C 167 -0.51 -3.90 -16.64
N TYR C 168 0.52 -3.05 -16.60
CA TYR C 168 0.66 -2.06 -15.53
C TYR C 168 0.17 -0.72 -16.08
N GLY C 169 -1.15 -0.57 -16.13
CA GLY C 169 -1.80 0.63 -16.61
C GLY C 169 -2.33 1.50 -15.48
N SER C 170 -3.52 2.07 -15.70
CA SER C 170 -4.16 2.81 -14.63
C SER C 170 -4.45 1.89 -13.45
N ALA C 171 -4.69 0.62 -13.71
CA ALA C 171 -4.67 -0.43 -12.70
C ALA C 171 -3.82 -1.56 -13.26
N THR C 172 -3.48 -2.52 -12.40
CA THR C 172 -2.73 -3.69 -12.84
C THR C 172 -3.68 -4.86 -13.07
N MET C 173 -3.62 -5.46 -14.25
CA MET C 173 -4.48 -6.59 -14.60
C MET C 173 -3.62 -7.70 -15.20
N LEU C 174 -3.94 -8.94 -14.85
CA LEU C 174 -3.35 -10.14 -15.45
C LEU C 174 -4.39 -10.83 -16.32
N VAL C 175 -4.05 -11.07 -17.58
CA VAL C 175 -4.91 -11.80 -18.50
C VAL C 175 -4.27 -13.15 -18.76
N LEU C 176 -5.03 -14.21 -18.51
CA LEU C 176 -4.51 -15.58 -18.61
C LEU C 176 -5.37 -16.40 -19.57
N ALA C 177 -4.73 -17.03 -20.55
CA ALA C 177 -5.41 -17.87 -21.53
C ALA C 177 -4.91 -19.31 -21.40
N MET C 178 -5.86 -20.24 -21.40
CA MET C 178 -5.59 -21.68 -21.37
C MET C 178 -6.59 -22.35 -22.31
N ASP C 179 -6.65 -23.68 -22.27
CA ASP C 179 -7.64 -24.39 -23.06
C ASP C 179 -9.07 -23.97 -22.69
N CYS C 180 -9.33 -23.79 -21.39
CA CYS C 180 -10.66 -23.37 -20.93
C CYS C 180 -11.01 -21.93 -21.32
N GLY C 181 -10.09 -21.17 -21.92
CA GLY C 181 -10.39 -19.83 -22.37
C GLY C 181 -9.56 -18.72 -21.73
N VAL C 182 -10.07 -17.49 -21.84
CA VAL C 182 -9.36 -16.30 -21.42
C VAL C 182 -10.09 -15.71 -20.21
N ASN C 183 -9.34 -15.40 -19.15
CA ASN C 183 -9.90 -14.83 -17.93
C ASN C 183 -9.04 -13.65 -17.46
N CYS C 184 -9.69 -12.61 -16.93
CA CYS C 184 -9.01 -11.37 -16.55
C CYS C 184 -9.14 -11.12 -15.05
N PHE C 185 -8.02 -10.88 -14.40
CA PHE C 185 -7.93 -10.68 -12.97
C PHE C 185 -7.37 -9.30 -12.70
N MET C 186 -8.05 -8.52 -11.86
CA MET C 186 -7.61 -7.21 -11.42
C MET C 186 -6.88 -7.36 -10.10
N LEU C 187 -5.71 -6.75 -9.99
CA LEU C 187 -4.94 -6.78 -8.75
C LEU C 187 -5.54 -5.80 -7.75
N ASP C 188 -5.93 -6.28 -6.57
CA ASP C 188 -6.29 -5.35 -5.50
C ASP C 188 -5.04 -5.04 -4.70
N PRO C 189 -4.44 -3.87 -4.91
CA PRO C 189 -3.17 -3.58 -4.21
C PRO C 189 -3.31 -3.47 -2.69
N ALA C 190 -4.50 -3.22 -2.17
CA ALA C 190 -4.67 -3.18 -0.72
C ALA C 190 -4.33 -4.51 -0.06
N ILE C 191 -4.61 -5.63 -0.74
CA ILE C 191 -4.49 -6.94 -0.11
C ILE C 191 -3.64 -7.89 -0.95
N GLY C 192 -3.01 -7.38 -2.00
CA GLY C 192 -2.18 -8.22 -2.88
C GLY C 192 -2.86 -9.45 -3.44
N GLU C 193 -4.10 -9.31 -3.91
CA GLU C 193 -4.83 -10.44 -4.44
C GLU C 193 -5.32 -10.14 -5.85
N PHE C 194 -5.23 -11.13 -6.73
CA PHE C 194 -5.81 -11.03 -8.07
C PHE C 194 -7.26 -11.49 -8.04
N ILE C 195 -8.18 -10.60 -8.38
CA ILE C 195 -9.63 -10.85 -8.30
C ILE C 195 -10.15 -11.09 -9.71
N LEU C 196 -10.84 -12.21 -9.91
CA LEU C 196 -11.44 -12.48 -11.20
C LEU C 196 -12.57 -11.48 -11.46
N VAL C 197 -12.45 -10.73 -12.55
CA VAL C 197 -13.47 -9.73 -12.91
C VAL C 197 -14.08 -9.95 -14.29
N ASP C 198 -13.48 -10.77 -15.16
CA ASP C 198 -14.00 -11.02 -16.51
C ASP C 198 -13.77 -12.48 -16.85
N LYS C 199 -14.84 -13.29 -16.92
CA LYS C 199 -14.72 -14.72 -17.20
C LYS C 199 -14.96 -15.01 -18.67
N ASP C 200 -14.15 -15.92 -19.24
CA ASP C 200 -14.35 -16.45 -20.59
C ASP C 200 -14.60 -15.33 -21.60
N VAL C 201 -13.59 -14.48 -21.70
CA VAL C 201 -13.64 -13.27 -22.50
C VAL C 201 -13.59 -13.61 -23.98
N LYS C 202 -14.39 -12.92 -24.77
CA LYS C 202 -14.44 -13.09 -26.23
C LYS C 202 -14.40 -11.72 -26.90
N ILE C 203 -13.58 -11.63 -27.96
CA ILE C 203 -13.43 -10.37 -28.70
C ILE C 203 -14.64 -10.14 -29.60
N LYS C 204 -14.99 -8.86 -29.79
CA LYS C 204 -16.03 -8.50 -30.75
C LYS C 204 -15.71 -9.07 -32.12
N LYS C 205 -16.76 -9.49 -32.83
CA LYS C 205 -16.55 -9.98 -34.19
C LYS C 205 -15.94 -8.88 -35.07
N LYS C 206 -16.34 -7.63 -34.85
CA LYS C 206 -15.82 -6.53 -35.64
C LYS C 206 -15.79 -5.28 -34.78
N GLY C 207 -14.67 -4.55 -34.86
CA GLY C 207 -14.46 -3.35 -34.08
C GLY C 207 -14.50 -2.09 -34.93
N LYS C 208 -14.08 -0.99 -34.30
CA LYS C 208 -14.11 0.33 -34.91
C LYS C 208 -12.84 1.12 -34.63
N ILE C 209 -11.75 0.44 -34.29
CA ILE C 209 -10.46 1.08 -34.00
C ILE C 209 -9.36 0.30 -34.71
N TYR C 210 -8.44 1.03 -35.35
CA TYR C 210 -7.23 0.41 -35.90
C TYR C 210 -6.02 1.01 -35.20
N SER C 211 -4.94 0.22 -35.10
CA SER C 211 -3.79 0.58 -34.29
C SER C 211 -2.49 0.22 -35.01
N LEU C 212 -1.71 1.22 -35.37
CA LEU C 212 -0.37 1.02 -35.93
C LEU C 212 0.36 2.35 -35.96
N ASN C 213 1.71 2.28 -36.04
CA ASN C 213 2.57 3.45 -36.17
C ASN C 213 2.55 3.93 -37.63
N GLU C 214 1.77 4.97 -37.92
CA GLU C 214 1.65 5.49 -39.29
C GLU C 214 2.84 6.34 -39.71
N GLY C 215 3.77 6.62 -38.81
CA GLY C 215 4.99 7.30 -39.20
C GLY C 215 5.83 6.53 -40.20
N TYR C 216 5.60 5.22 -40.33
CA TYR C 216 6.28 4.42 -41.33
C TYR C 216 5.48 4.31 -42.62
N ALA C 217 4.60 5.27 -42.90
CA ALA C 217 3.74 5.15 -44.07
C ALA C 217 4.55 5.10 -45.38
N LYS C 218 5.67 5.82 -45.43
CA LYS C 218 6.51 5.79 -46.63
C LYS C 218 7.09 4.41 -46.91
N ASP C 219 7.17 3.53 -45.90
CA ASP C 219 7.74 2.19 -46.03
C ASP C 219 6.68 1.10 -46.18
N PHE C 220 5.39 1.43 -46.14
CA PHE C 220 4.38 0.40 -46.19
C PHE C 220 4.34 -0.30 -47.55
N ASP C 221 4.20 -1.62 -47.51
CA ASP C 221 3.77 -2.39 -48.66
C ASP C 221 2.38 -1.92 -49.09
N PRO C 222 2.03 -2.13 -50.37
CA PRO C 222 0.76 -1.58 -50.88
C PRO C 222 -0.47 -2.10 -50.16
N ALA C 223 -0.47 -3.35 -49.71
CA ALA C 223 -1.63 -3.90 -49.02
C ALA C 223 -1.93 -3.15 -47.73
N VAL C 224 -0.91 -2.85 -46.92
CA VAL C 224 -1.16 -2.11 -45.70
C VAL C 224 -1.66 -0.71 -46.03
N THR C 225 -1.05 -0.06 -47.01
CA THR C 225 -1.48 1.26 -47.44
C THR C 225 -2.94 1.26 -47.88
N GLU C 226 -3.37 0.23 -48.63
CA GLU C 226 -4.77 0.20 -49.06
C GLU C 226 -5.72 -0.13 -47.91
N TYR C 227 -5.36 -1.11 -47.08
CA TYR C 227 -6.22 -1.46 -45.95
C TYR C 227 -6.47 -0.24 -45.06
N ILE C 228 -5.41 0.50 -44.74
CA ILE C 228 -5.55 1.68 -43.91
C ILE C 228 -6.41 2.73 -44.61
N GLN C 229 -6.21 2.89 -45.93
CA GLN C 229 -6.99 3.88 -46.65
C GLN C 229 -8.48 3.60 -46.56
N ARG C 230 -8.86 2.32 -46.56
CA ARG C 230 -10.25 1.89 -46.36
C ARG C 230 -10.78 2.22 -44.95
N LYS C 231 -9.93 2.20 -43.93
CA LYS C 231 -10.41 2.49 -42.58
C LYS C 231 -10.73 3.98 -42.41
N LYS C 232 -10.00 4.87 -43.10
CA LYS C 232 -10.24 6.32 -43.11
C LYS C 232 -11.29 6.76 -44.15
N PHE C 233 -11.38 6.09 -45.30
CA PHE C 233 -12.30 6.46 -46.38
C PHE C 233 -13.06 5.21 -46.78
N PRO C 234 -14.04 4.78 -45.99
CA PRO C 234 -14.71 3.51 -46.24
C PRO C 234 -15.42 3.52 -47.58
N PRO C 235 -15.24 2.47 -48.38
CA PRO C 235 -15.91 2.43 -49.69
C PRO C 235 -17.42 2.31 -49.58
N ASP C 236 -17.93 1.86 -48.44
CA ASP C 236 -19.38 1.72 -48.24
C ASP C 236 -20.01 2.97 -47.62
N ASN C 237 -19.28 4.08 -47.56
CA ASN C 237 -19.80 5.34 -47.02
C ASN C 237 -20.42 5.12 -45.63
N SER C 238 -19.73 4.34 -44.81
CA SER C 238 -20.05 4.19 -43.41
C SER C 238 -19.02 4.98 -42.60
N ALA C 239 -19.10 4.88 -41.27
CA ALA C 239 -18.27 5.69 -40.39
C ALA C 239 -16.81 5.24 -40.45
N PRO C 240 -15.86 6.18 -40.58
CA PRO C 240 -14.44 5.82 -40.46
C PRO C 240 -14.10 5.30 -39.07
N TYR C 241 -13.13 4.38 -39.03
CA TYR C 241 -12.57 3.91 -37.76
C TYR C 241 -11.84 5.05 -37.04
N GLY C 242 -11.80 4.95 -35.73
CA GLY C 242 -10.86 5.73 -34.96
C GLY C 242 -9.50 5.05 -34.94
N ALA C 243 -8.44 5.83 -34.70
CA ALA C 243 -7.08 5.33 -34.58
C ALA C 243 -6.54 5.55 -33.16
N ARG C 244 -5.85 4.53 -32.63
CA ARG C 244 -5.14 4.61 -31.36
C ARG C 244 -3.79 3.93 -31.52
N TYR C 245 -2.73 4.52 -30.99
CA TYR C 245 -1.43 3.84 -30.94
C TYR C 245 -0.67 4.28 -29.70
N VAL C 246 -0.58 3.40 -28.70
CA VAL C 246 0.12 3.73 -27.47
C VAL C 246 1.63 3.66 -27.65
N GLY C 247 2.11 2.73 -28.45
CA GLY C 247 3.52 2.44 -28.56
C GLY C 247 4.01 1.30 -27.69
N SER C 248 3.19 0.81 -26.76
CA SER C 248 3.49 -0.38 -25.96
C SER C 248 2.56 -1.51 -26.39
N MET C 249 3.14 -2.64 -26.77
CA MET C 249 2.35 -3.72 -27.35
C MET C 249 1.27 -4.22 -26.39
N VAL C 250 1.61 -4.40 -25.11
CA VAL C 250 0.64 -4.93 -24.15
C VAL C 250 -0.57 -4.02 -24.06
N ALA C 251 -0.33 -2.71 -24.02
CA ALA C 251 -1.46 -1.79 -23.93
C ALA C 251 -2.30 -1.79 -25.21
N ASP C 252 -1.65 -1.77 -26.37
CA ASP C 252 -2.41 -1.74 -27.62
C ASP C 252 -3.18 -3.06 -27.81
N VAL C 253 -2.59 -4.19 -27.40
CA VAL C 253 -3.29 -5.46 -27.59
C VAL C 253 -4.44 -5.58 -26.59
N HIS C 254 -4.24 -5.11 -25.35
CA HIS C 254 -5.32 -5.21 -24.40
C HIS C 254 -6.53 -4.38 -24.83
N ARG C 255 -6.30 -3.16 -25.34
CA ARG C 255 -7.39 -2.36 -25.91
C ARG C 255 -8.09 -3.08 -27.06
N THR C 256 -7.33 -3.77 -27.92
CA THR C 256 -7.94 -4.53 -29.01
C THR C 256 -8.80 -5.67 -28.49
N LEU C 257 -8.34 -6.36 -27.45
CA LEU C 257 -9.14 -7.44 -26.87
C LEU C 257 -10.43 -6.93 -26.26
N VAL C 258 -10.36 -5.79 -25.56
CA VAL C 258 -11.49 -5.32 -24.76
C VAL C 258 -12.51 -4.57 -25.60
N TYR C 259 -12.05 -3.74 -26.55
CA TYR C 259 -12.93 -2.90 -27.35
C TYR C 259 -13.17 -3.40 -28.76
N GLY C 260 -12.40 -4.38 -29.22
CA GLY C 260 -12.41 -4.78 -30.62
C GLY C 260 -11.50 -3.93 -31.50
N GLY C 261 -11.39 -4.36 -32.75
CA GLY C 261 -10.55 -3.68 -33.72
C GLY C 261 -9.40 -4.54 -34.18
N ILE C 262 -8.32 -3.88 -34.59
CA ILE C 262 -7.21 -4.55 -35.24
C ILE C 262 -5.92 -3.84 -34.85
N PHE C 263 -4.87 -4.63 -34.60
CA PHE C 263 -3.53 -4.14 -34.30
C PHE C 263 -2.56 -4.66 -35.35
N LEU C 264 -1.75 -3.75 -35.91
CA LEU C 264 -0.80 -4.12 -36.96
C LEU C 264 0.59 -3.63 -36.59
N TYR C 265 1.58 -4.51 -36.69
CA TYR C 265 2.97 -4.10 -36.77
C TYR C 265 3.64 -4.77 -37.96
N PRO C 266 3.44 -4.24 -39.16
CA PRO C 266 3.96 -4.90 -40.36
C PRO C 266 5.43 -4.59 -40.55
N ALA C 267 6.05 -5.27 -41.51
CA ALA C 267 7.45 -5.07 -41.81
C ALA C 267 7.70 -3.67 -42.38
N ASN C 268 8.89 -3.13 -42.11
CA ASN C 268 9.32 -1.88 -42.74
C ASN C 268 10.80 -2.02 -43.13
N LYS C 269 11.38 -0.91 -43.61
CA LYS C 269 12.76 -0.96 -44.09
C LYS C 269 13.74 -1.08 -42.93
N LYS C 270 13.38 -0.57 -41.76
CA LYS C 270 14.19 -0.78 -40.58
C LYS C 270 14.04 -2.20 -40.03
N SER C 271 12.96 -2.90 -40.41
CA SER C 271 12.67 -4.23 -39.86
C SER C 271 12.05 -5.13 -40.93
N PRO C 272 12.86 -5.66 -41.86
CA PRO C 272 12.28 -6.43 -42.98
C PRO C 272 11.62 -7.75 -42.57
N ASN C 273 11.89 -8.27 -41.37
CA ASN C 273 11.21 -9.43 -40.82
C ASN C 273 10.24 -9.04 -39.73
N GLY C 274 9.80 -7.78 -39.72
CA GLY C 274 8.96 -7.23 -38.68
C GLY C 274 9.79 -6.72 -37.51
N LYS C 275 9.09 -6.22 -36.49
CA LYS C 275 9.70 -5.57 -35.34
C LYS C 275 9.55 -6.37 -34.05
N LEU C 276 8.39 -6.94 -33.81
CA LEU C 276 8.12 -7.65 -32.58
C LEU C 276 8.74 -9.05 -32.64
N ARG C 277 9.05 -9.58 -31.46
CA ARG C 277 9.71 -10.87 -31.34
C ARG C 277 8.66 -11.96 -31.33
N LEU C 278 8.96 -13.06 -32.03
CA LEU C 278 7.99 -14.13 -32.19
C LEU C 278 7.77 -14.89 -30.89
N LEU C 279 8.82 -15.22 -30.16
CA LEU C 279 8.67 -16.17 -29.06
C LEU C 279 7.96 -15.57 -27.86
N TYR C 280 8.29 -14.33 -27.49
CA TYR C 280 7.80 -13.78 -26.23
C TYR C 280 6.95 -12.53 -26.43
N GLU C 281 6.54 -12.22 -27.64
CA GLU C 281 5.57 -11.16 -27.84
C GLU C 281 4.43 -11.67 -28.73
N CYS C 282 4.76 -12.06 -29.96
CA CYS C 282 3.72 -12.44 -30.92
C CYS C 282 3.00 -13.72 -30.48
N ASN C 283 3.74 -14.80 -30.24
CA ASN C 283 3.08 -16.06 -29.92
C ASN C 283 2.13 -15.93 -28.74
N PRO C 284 2.53 -15.40 -27.58
CA PRO C 284 1.55 -15.30 -26.50
C PRO C 284 0.34 -14.45 -26.84
N MET C 285 0.56 -13.27 -27.45
CA MET C 285 -0.59 -12.43 -27.80
C MET C 285 -1.50 -13.12 -28.81
N ALA C 286 -0.92 -13.89 -29.73
CA ALA C 286 -1.73 -14.62 -30.70
C ALA C 286 -2.53 -15.71 -30.03
N TYR C 287 -1.94 -16.36 -29.03
CA TYR C 287 -2.63 -17.40 -28.30
C TYR C 287 -3.85 -16.84 -27.57
N VAL C 288 -3.70 -15.67 -26.95
CA VAL C 288 -4.82 -15.02 -26.28
C VAL C 288 -5.88 -14.62 -27.28
N MET C 289 -5.47 -14.01 -28.38
CA MET C 289 -6.43 -13.63 -29.40
C MET C 289 -7.25 -14.84 -29.82
N GLU C 290 -6.58 -15.96 -30.09
CA GLU C 290 -7.28 -17.11 -30.64
C GLU C 290 -8.21 -17.75 -29.61
N LYS C 291 -7.80 -17.82 -28.35
CA LYS C 291 -8.74 -18.31 -27.34
C LYS C 291 -9.91 -17.36 -27.10
N ALA C 292 -9.75 -16.07 -27.39
CA ALA C 292 -10.89 -15.17 -27.28
C ALA C 292 -11.71 -15.09 -28.58
N GLY C 293 -11.48 -15.99 -29.52
CA GLY C 293 -12.20 -16.00 -30.78
C GLY C 293 -11.72 -15.00 -31.81
N GLY C 294 -10.52 -14.44 -31.65
CA GLY C 294 -9.94 -13.55 -32.62
C GLY C 294 -8.92 -14.23 -33.49
N MET C 295 -8.23 -13.42 -34.30
CA MET C 295 -7.29 -13.92 -35.29
C MET C 295 -5.97 -13.17 -35.20
N ALA C 296 -4.92 -13.84 -35.64
CA ALA C 296 -3.55 -13.31 -35.63
C ALA C 296 -2.75 -13.99 -36.74
N THR C 297 -2.30 -13.19 -37.70
CA THR C 297 -1.57 -13.67 -38.87
C THR C 297 -0.33 -12.81 -39.09
N THR C 298 0.66 -13.38 -39.79
CA THR C 298 1.78 -12.59 -40.32
C THR C 298 1.47 -12.01 -41.69
N GLY C 299 0.36 -12.43 -42.31
CA GLY C 299 0.11 -12.15 -43.71
C GLY C 299 0.19 -13.41 -44.55
N LYS C 300 1.21 -14.23 -44.30
CA LYS C 300 1.41 -15.47 -45.04
C LYS C 300 0.84 -16.68 -44.31
N GLU C 301 0.78 -16.64 -42.99
CA GLU C 301 0.34 -17.77 -42.18
C GLU C 301 -0.09 -17.24 -40.83
N ALA C 302 -0.80 -18.09 -40.09
CA ALA C 302 -1.12 -17.76 -38.70
C ALA C 302 0.17 -17.64 -37.90
N VAL C 303 0.19 -16.66 -36.99
CA VAL C 303 1.37 -16.49 -36.13
C VAL C 303 1.70 -17.79 -35.42
N LEU C 304 0.69 -18.48 -34.89
CA LEU C 304 0.90 -19.71 -34.12
C LEU C 304 1.42 -20.86 -34.97
N ASP C 305 1.45 -20.74 -36.29
CA ASP C 305 1.96 -21.79 -37.17
C ASP C 305 3.42 -21.60 -37.56
N VAL C 306 3.99 -20.41 -37.33
CA VAL C 306 5.39 -20.17 -37.64
C VAL C 306 6.29 -21.05 -36.77
N ILE C 307 7.20 -21.78 -37.40
CA ILE C 307 8.17 -22.61 -36.69
C ILE C 307 9.45 -21.77 -36.54
N PRO C 308 9.81 -21.37 -35.33
CA PRO C 308 10.97 -20.47 -35.19
C PRO C 308 12.28 -21.24 -35.33
N THR C 309 13.31 -20.50 -35.75
CA THR C 309 14.65 -21.06 -35.83
C THR C 309 15.63 -20.42 -34.88
N ASP C 310 15.29 -19.25 -34.31
CA ASP C 310 16.13 -18.53 -33.35
C ASP C 310 15.26 -17.90 -32.26
N ILE C 311 15.72 -18.01 -31.00
CA ILE C 311 14.86 -17.61 -29.89
C ILE C 311 14.52 -16.12 -29.88
N HIS C 312 15.32 -15.27 -30.56
CA HIS C 312 15.03 -13.85 -30.61
C HIS C 312 14.55 -13.38 -31.97
N GLN C 313 14.05 -14.28 -32.81
CA GLN C 313 13.68 -13.84 -34.15
C GLN C 313 12.41 -12.99 -34.15
N ARG C 314 12.34 -12.05 -35.08
CA ARG C 314 11.22 -11.14 -35.20
C ARG C 314 10.21 -11.66 -36.21
N ALA C 315 9.00 -11.08 -36.18
CA ALA C 315 7.85 -11.44 -37.03
C ALA C 315 6.88 -10.28 -37.25
N PRO C 316 6.31 -10.15 -38.45
CA PRO C 316 5.20 -9.21 -38.63
C PRO C 316 3.92 -9.80 -38.04
N VAL C 317 3.05 -8.94 -37.53
CA VAL C 317 1.83 -9.42 -36.88
C VAL C 317 0.66 -8.49 -37.21
N ILE C 318 -0.46 -9.10 -37.63
CA ILE C 318 -1.76 -8.44 -37.75
C ILE C 318 -2.73 -9.22 -36.88
N LEU C 319 -3.38 -8.56 -35.92
CA LEU C 319 -4.24 -9.31 -35.03
C LEU C 319 -5.44 -8.49 -34.56
N GLY C 320 -6.45 -9.19 -34.08
CA GLY C 320 -7.64 -8.56 -33.53
C GLY C 320 -8.94 -9.25 -33.91
N SER C 321 -10.00 -8.45 -34.05
CA SER C 321 -11.31 -8.97 -34.37
C SER C 321 -11.26 -9.79 -35.66
N PRO C 322 -11.97 -10.92 -35.72
CA PRO C 322 -11.80 -11.83 -36.88
C PRO C 322 -12.27 -11.20 -38.20
N ASP C 323 -13.35 -10.42 -38.17
CA ASP C 323 -13.81 -9.75 -39.38
C ASP C 323 -12.80 -8.73 -39.88
N ASP C 324 -12.17 -7.99 -38.96
CA ASP C 324 -11.21 -6.99 -39.39
C ASP C 324 -9.94 -7.62 -39.94
N VAL C 325 -9.46 -8.72 -39.33
CA VAL C 325 -8.26 -9.37 -39.86
C VAL C 325 -8.54 -10.00 -41.22
N LEU C 326 -9.70 -10.66 -41.38
CA LEU C 326 -10.06 -11.25 -42.66
C LEU C 326 -10.20 -10.17 -43.73
N GLU C 327 -10.78 -9.01 -43.37
CA GLU C 327 -10.82 -7.92 -44.35
C GLU C 327 -9.40 -7.52 -44.75
N PHE C 328 -8.45 -7.57 -43.81
CA PHE C 328 -7.07 -7.29 -44.19
C PHE C 328 -6.51 -8.39 -45.09
N LEU C 329 -6.75 -9.66 -44.76
CA LEU C 329 -6.20 -10.74 -45.56
C LEU C 329 -6.73 -10.72 -46.99
N LYS C 330 -7.97 -10.25 -47.16
CA LYS C 330 -8.57 -10.15 -48.48
C LYS C 330 -7.85 -9.10 -49.33
N VAL C 331 -7.53 -7.94 -48.72
CA VAL C 331 -6.72 -6.94 -49.41
C VAL C 331 -5.32 -7.47 -49.67
N TYR C 332 -4.76 -8.20 -48.70
CA TYR C 332 -3.43 -8.77 -48.86
C TYR C 332 -3.39 -9.75 -50.03
N GLU C 333 -4.45 -10.53 -50.21
CA GLU C 333 -4.46 -11.46 -51.32
C GLU C 333 -4.60 -10.73 -52.64
N LYS C 334 -5.47 -9.71 -52.68
CA LYS C 334 -5.65 -8.89 -53.88
C LYS C 334 -4.34 -8.34 -54.41
N HIS C 335 -3.35 -8.13 -53.54
CA HIS C 335 -2.03 -7.64 -53.92
C HIS C 335 -1.01 -8.76 -54.12
N SER C 336 -1.48 -9.94 -54.54
CA SER C 336 -0.59 -11.07 -54.83
C SER C 336 0.24 -11.53 -53.64
N ASP D 10 19.87 16.18 -1.88
CA ASP D 10 19.03 16.79 -0.86
C ASP D 10 17.53 16.64 -1.19
N VAL D 11 16.85 15.76 -0.46
CA VAL D 11 15.51 15.31 -0.83
C VAL D 11 14.49 16.43 -0.72
N ASN D 12 13.52 16.45 -1.64
CA ASN D 12 12.52 17.51 -1.66
C ASN D 12 11.14 16.92 -1.99
N THR D 13 10.13 17.32 -1.23
CA THR D 13 8.76 16.84 -1.38
C THR D 13 7.85 17.97 -1.84
N LEU D 14 6.65 17.59 -2.33
CA LEU D 14 5.71 18.62 -2.77
C LEU D 14 5.35 19.55 -1.62
N THR D 15 5.04 19.01 -0.44
CA THR D 15 4.73 19.85 0.71
C THR D 15 5.83 20.87 1.00
N ARG D 16 7.08 20.39 1.05
CA ARG D 16 8.20 21.29 1.35
C ARG D 16 8.38 22.32 0.25
N PHE D 17 8.32 21.88 -1.01
CA PHE D 17 8.45 22.79 -2.14
C PHE D 17 7.41 23.90 -2.07
N VAL D 18 6.14 23.51 -1.86
CA VAL D 18 5.05 24.48 -1.88
C VAL D 18 5.20 25.50 -0.76
N MET D 19 5.53 25.03 0.44
CA MET D 19 5.71 25.92 1.59
C MET D 19 6.87 26.89 1.36
N GLU D 20 7.99 26.40 0.79
CA GLU D 20 9.13 27.28 0.56
C GLU D 20 8.83 28.36 -0.47
N GLU D 21 8.08 28.03 -1.53
CA GLU D 21 7.69 29.05 -2.50
C GLU D 21 6.82 30.12 -1.84
N GLY D 22 5.93 29.69 -0.95
CA GLY D 22 5.10 30.63 -0.22
C GLY D 22 5.88 31.51 0.76
N ARG D 23 6.85 30.93 1.47
CA ARG D 23 7.67 31.75 2.37
C ARG D 23 8.41 32.83 1.58
N LYS D 24 8.99 32.46 0.44
CA LYS D 24 9.67 33.44 -0.39
C LYS D 24 8.72 34.57 -0.80
N ALA D 25 7.47 34.24 -1.11
CA ALA D 25 6.56 35.26 -1.65
C ALA D 25 5.81 36.02 -0.56
N ARG D 26 5.60 35.40 0.61
CA ARG D 26 4.91 36.00 1.74
C ARG D 26 3.48 36.42 1.38
N GLY D 27 2.75 35.52 0.75
CA GLY D 27 1.35 35.74 0.51
C GLY D 27 0.53 35.37 1.73
N THR D 28 -0.79 35.44 1.59
CA THR D 28 -1.66 35.19 2.74
C THR D 28 -1.75 33.73 3.13
N GLY D 29 -1.18 32.81 2.36
CA GLY D 29 -1.18 31.41 2.70
C GLY D 29 -2.27 30.57 2.08
N GLU D 30 -3.28 31.20 1.45
CA GLU D 30 -4.41 30.46 0.89
C GLU D 30 -3.98 29.55 -0.27
N LEU D 31 -3.12 30.03 -1.16
CA LEU D 31 -2.69 29.20 -2.30
C LEU D 31 -1.92 27.98 -1.82
N THR D 32 -1.13 28.14 -0.76
CA THR D 32 -0.41 27.00 -0.20
C THR D 32 -1.39 25.96 0.34
N GLN D 33 -2.44 26.40 1.05
CA GLN D 33 -3.46 25.46 1.51
C GLN D 33 -4.23 24.84 0.35
N LEU D 34 -4.46 25.61 -0.72
CA LEU D 34 -5.12 25.07 -1.91
C LEU D 34 -4.28 23.95 -2.53
N LEU D 35 -2.98 24.21 -2.75
CA LEU D 35 -2.14 23.19 -3.36
C LEU D 35 -1.99 21.95 -2.49
N ASN D 36 -1.95 22.12 -1.17
CA ASN D 36 -1.93 20.98 -0.24
C ASN D 36 -3.20 20.14 -0.35
N SER D 37 -4.37 20.80 -0.44
CA SER D 37 -5.63 20.08 -0.60
C SER D 37 -5.65 19.28 -1.90
N LEU D 38 -5.23 19.90 -3.00
CA LEU D 38 -5.18 19.21 -4.30
C LEU D 38 -4.24 18.02 -4.25
N CYS D 39 -3.11 18.16 -3.55
CA CYS D 39 -2.18 17.04 -3.36
C CYS D 39 -2.88 15.86 -2.69
N THR D 40 -3.62 16.12 -1.62
CA THR D 40 -4.37 15.04 -0.97
C THR D 40 -5.39 14.43 -1.93
N ALA D 41 -6.08 15.26 -2.71
CA ALA D 41 -7.07 14.72 -3.65
C ALA D 41 -6.42 13.83 -4.69
N VAL D 42 -5.24 14.22 -5.20
CA VAL D 42 -4.56 13.44 -6.23
C VAL D 42 -4.14 12.08 -5.68
N LYS D 43 -3.66 12.04 -4.43
CA LYS D 43 -3.32 10.74 -3.84
C LYS D 43 -4.56 9.88 -3.63
N ALA D 44 -5.70 10.47 -3.29
CA ALA D 44 -6.89 9.64 -3.11
C ALA D 44 -7.41 9.14 -4.44
N ILE D 45 -7.33 9.97 -5.48
CA ILE D 45 -7.77 9.55 -6.80
C ILE D 45 -6.88 8.43 -7.30
N SER D 46 -5.57 8.57 -7.12
CA SER D 46 -4.64 7.53 -7.53
C SER D 46 -4.97 6.19 -6.87
N SER D 47 -5.24 6.21 -5.57
CA SER D 47 -5.54 4.96 -4.87
C SER D 47 -6.80 4.31 -5.42
N ALA D 48 -7.81 5.13 -5.73
CA ALA D 48 -9.03 4.59 -6.33
C ALA D 48 -8.81 4.18 -7.79
N VAL D 49 -8.02 4.94 -8.56
CA VAL D 49 -7.78 4.54 -9.95
C VAL D 49 -7.04 3.20 -10.01
N ARG D 50 -6.13 2.94 -9.06
CA ARG D 50 -5.43 1.65 -9.03
C ARG D 50 -6.27 0.52 -8.47
N LYS D 51 -7.54 0.77 -8.10
CA LYS D 51 -8.55 -0.22 -7.69
C LYS D 51 -8.33 -0.80 -6.28
N ALA D 52 -7.71 -0.06 -5.37
CA ALA D 52 -7.65 -0.51 -3.98
C ALA D 52 -9.06 -0.69 -3.43
N GLY D 53 -9.31 -1.86 -2.87
CA GLY D 53 -10.62 -2.17 -2.34
C GLY D 53 -11.58 -2.84 -3.30
N ILE D 54 -11.15 -3.09 -4.55
CA ILE D 54 -12.04 -3.72 -5.52
C ILE D 54 -12.49 -5.10 -5.05
N ALA D 55 -11.69 -5.77 -4.22
CA ALA D 55 -12.11 -7.08 -3.72
C ALA D 55 -13.41 -6.98 -2.92
N HIS D 56 -13.64 -5.86 -2.25
CA HIS D 56 -14.89 -5.68 -1.53
C HIS D 56 -16.07 -5.46 -2.47
N LEU D 57 -15.84 -4.77 -3.60
CA LEU D 57 -16.89 -4.64 -4.61
C LEU D 57 -17.29 -5.99 -5.19
N TYR D 58 -16.38 -6.96 -5.20
CA TYR D 58 -16.65 -8.26 -5.80
C TYR D 58 -17.00 -9.32 -4.76
N GLY D 59 -17.38 -8.89 -3.55
CA GLY D 59 -18.04 -9.75 -2.58
C GLY D 59 -17.16 -10.55 -1.64
N ILE D 60 -15.94 -10.08 -1.34
CA ILE D 60 -15.04 -10.86 -0.48
C ILE D 60 -15.58 -10.99 0.94
N ALA D 61 -16.36 -10.02 1.40
CA ALA D 61 -16.91 -10.02 2.75
C ALA D 61 -18.43 -10.21 2.76
N GLY D 62 -18.98 -10.85 1.73
CA GLY D 62 -20.42 -10.96 1.59
C GLY D 62 -21.05 -9.96 0.63
N LYS D 73 -18.89 6.18 -12.26
CA LYS D 73 -18.63 5.97 -10.83
C LYS D 73 -17.29 6.53 -10.39
N LEU D 74 -16.22 6.03 -11.01
CA LEU D 74 -14.86 6.42 -10.64
C LEU D 74 -14.63 7.91 -10.86
N ASP D 75 -15.11 8.44 -11.98
CA ASP D 75 -14.96 9.87 -12.19
C ASP D 75 -15.95 10.69 -11.36
N VAL D 76 -17.08 10.11 -10.93
CA VAL D 76 -17.93 10.82 -9.97
C VAL D 76 -17.23 10.91 -8.62
N LEU D 77 -16.61 9.81 -8.19
CA LEU D 77 -15.85 9.80 -6.95
C LEU D 77 -14.69 10.80 -7.00
N SER D 78 -13.99 10.87 -8.15
CA SER D 78 -12.90 11.83 -8.31
C SER D 78 -13.38 13.26 -8.19
N ASN D 79 -14.53 13.55 -8.82
CA ASN D 79 -15.09 14.88 -8.73
C ASN D 79 -15.45 15.23 -7.29
N ASP D 80 -16.01 14.27 -6.55
CA ASP D 80 -16.36 14.49 -5.13
C ASP D 80 -15.12 14.70 -4.24
N LEU D 81 -14.02 13.98 -4.54
CA LEU D 81 -12.79 14.17 -3.75
C LEU D 81 -12.23 15.56 -3.96
N VAL D 82 -12.12 15.98 -5.22
CA VAL D 82 -11.61 17.31 -5.54
C VAL D 82 -12.50 18.39 -4.95
N MET D 83 -13.81 18.31 -5.20
CA MET D 83 -14.75 19.30 -4.67
C MET D 83 -14.61 19.45 -3.16
N ASN D 84 -14.58 18.32 -2.45
CA ASN D 84 -14.59 18.41 -1.00
C ASN D 84 -13.24 18.89 -0.46
N MET D 85 -12.15 18.41 -1.06
CA MET D 85 -10.84 18.88 -0.61
C MET D 85 -10.66 20.36 -0.87
N LEU D 86 -11.11 20.82 -2.04
CA LEU D 86 -11.01 22.23 -2.39
C LEU D 86 -11.92 23.08 -1.52
N LYS D 87 -13.17 22.66 -1.34
CA LYS D 87 -14.06 23.41 -0.45
C LYS D 87 -13.51 23.49 0.96
N SER D 88 -12.97 22.37 1.48
CA SER D 88 -12.50 22.39 2.86
C SER D 88 -11.20 23.16 3.05
N SER D 89 -10.56 23.60 1.96
CA SER D 89 -9.31 24.35 2.01
C SER D 89 -9.46 25.80 2.47
N PHE D 90 -10.68 26.35 2.40
CA PHE D 90 -10.94 27.77 2.70
C PHE D 90 -10.21 28.72 1.75
N ALA D 91 -9.87 28.26 0.55
CA ALA D 91 -9.15 29.10 -0.37
C ALA D 91 -9.92 29.36 -1.67
N THR D 92 -11.12 28.80 -1.84
CA THR D 92 -11.83 28.85 -3.11
C THR D 92 -13.21 29.51 -2.96
N CYS D 93 -13.73 30.07 -4.07
CA CYS D 93 -15.06 30.64 -4.08
C CYS D 93 -15.88 30.21 -5.30
N VAL D 94 -15.23 29.86 -6.40
CA VAL D 94 -15.92 29.29 -7.57
C VAL D 94 -15.12 28.09 -8.05
N LEU D 95 -15.82 26.99 -8.30
CA LEU D 95 -15.23 25.77 -8.79
C LEU D 95 -15.92 25.39 -10.09
N VAL D 96 -15.16 25.17 -11.14
CA VAL D 96 -15.71 24.72 -12.40
C VAL D 96 -15.14 23.34 -12.65
N SER D 97 -16.02 22.36 -12.80
CA SER D 97 -15.60 21.00 -13.07
C SER D 97 -16.18 20.54 -14.40
N GLU D 98 -15.39 19.76 -15.12
CA GLU D 98 -15.90 19.11 -16.31
C GLU D 98 -17.12 18.26 -16.02
N GLU D 99 -17.32 17.83 -14.75
CA GLU D 99 -18.41 16.93 -14.44
C GLU D 99 -19.72 17.63 -14.11
N ASP D 100 -19.72 18.93 -13.87
CA ASP D 100 -20.93 19.64 -13.44
C ASP D 100 -21.36 20.61 -14.51
N LYS D 101 -22.67 20.67 -14.74
CA LYS D 101 -23.22 21.56 -15.75
C LYS D 101 -22.99 23.03 -15.39
N HIS D 102 -23.22 23.41 -14.13
CA HIS D 102 -23.09 24.79 -13.72
C HIS D 102 -21.85 24.97 -12.87
N ALA D 103 -21.37 26.20 -12.76
CA ALA D 103 -20.31 26.47 -11.81
C ALA D 103 -20.83 26.22 -10.41
N ILE D 104 -19.96 25.71 -9.56
CA ILE D 104 -20.26 25.46 -8.17
C ILE D 104 -19.80 26.68 -7.37
N ILE D 105 -20.69 27.26 -6.60
CA ILE D 105 -20.34 28.41 -5.76
C ILE D 105 -20.09 27.89 -4.34
N VAL D 106 -18.90 28.16 -3.81
CA VAL D 106 -18.57 27.75 -2.44
C VAL D 106 -19.42 28.55 -1.45
N GLU D 107 -19.84 27.87 -0.38
CA GLU D 107 -20.66 28.51 0.62
C GLU D 107 -19.86 29.59 1.37
N PRO D 108 -20.54 30.63 1.85
CA PRO D 108 -19.84 31.84 2.34
C PRO D 108 -18.81 31.61 3.44
N GLU D 109 -19.11 30.76 4.41
CA GLU D 109 -18.19 30.52 5.52
C GLU D 109 -16.91 29.79 5.10
N LYS D 110 -16.87 29.18 3.91
CA LYS D 110 -15.68 28.45 3.44
C LYS D 110 -14.98 29.18 2.30
N ARG D 111 -15.36 30.41 2.01
CA ARG D 111 -14.95 31.07 0.79
C ARG D 111 -13.55 31.64 0.94
N GLY D 112 -12.72 31.40 -0.07
CA GLY D 112 -11.43 32.06 -0.19
C GLY D 112 -11.34 32.83 -1.50
N LYS D 113 -10.13 33.13 -1.96
CA LYS D 113 -9.99 34.08 -3.05
C LYS D 113 -9.67 33.46 -4.41
N TYR D 114 -9.58 32.14 -4.52
CA TYR D 114 -9.16 31.50 -5.75
C TYR D 114 -10.31 30.79 -6.46
N VAL D 115 -10.26 30.85 -7.80
CA VAL D 115 -11.19 30.16 -8.69
C VAL D 115 -10.45 28.96 -9.27
N VAL D 116 -11.07 27.78 -9.22
CA VAL D 116 -10.41 26.58 -9.69
C VAL D 116 -11.24 25.91 -10.77
N CYS D 117 -10.59 25.62 -11.91
CA CYS D 117 -11.20 24.87 -13.00
C CYS D 117 -10.45 23.54 -13.11
N PHE D 118 -11.19 22.44 -13.18
CA PHE D 118 -10.51 21.16 -13.21
C PHE D 118 -11.33 20.09 -13.94
N ASP D 119 -10.60 19.12 -14.47
CA ASP D 119 -11.16 17.88 -14.97
C ASP D 119 -10.69 16.76 -14.05
N PRO D 120 -11.55 16.22 -13.18
CA PRO D 120 -11.06 15.31 -12.13
C PRO D 120 -10.51 14.01 -12.67
N LEU D 121 -11.00 13.53 -13.84
CA LEU D 121 -10.49 12.25 -14.34
C LEU D 121 -10.59 12.27 -15.87
N ASP D 122 -9.60 12.92 -16.49
CA ASP D 122 -9.54 13.09 -17.93
C ASP D 122 -9.16 11.78 -18.62
N GLY D 123 -9.90 11.47 -19.67
CA GLY D 123 -9.67 10.24 -20.41
C GLY D 123 -10.43 9.05 -19.88
N SER D 124 -11.26 9.24 -18.85
CA SER D 124 -11.92 8.10 -18.21
C SER D 124 -12.98 7.46 -19.08
N SER D 125 -13.31 8.06 -20.24
CA SER D 125 -14.16 7.38 -21.19
C SER D 125 -13.60 6.01 -21.57
N ASN D 126 -12.26 5.90 -21.61
CA ASN D 126 -11.55 4.70 -22.01
C ASN D 126 -10.82 4.01 -20.86
N ILE D 127 -11.21 4.25 -19.61
CA ILE D 127 -10.57 3.57 -18.49
C ILE D 127 -10.87 2.08 -18.42
N ASP D 128 -11.87 1.58 -19.19
CA ASP D 128 -12.13 0.14 -19.25
C ASP D 128 -10.91 -0.67 -19.71
N CYS D 129 -10.04 -0.07 -20.53
CA CYS D 129 -8.88 -0.76 -21.07
C CYS D 129 -7.59 -0.40 -20.35
N LEU D 130 -7.71 0.19 -19.15
CA LEU D 130 -6.58 0.47 -18.27
C LEU D 130 -5.59 1.43 -18.90
N VAL D 131 -6.07 2.24 -19.85
CA VAL D 131 -5.24 3.30 -20.41
C VAL D 131 -4.94 4.33 -19.31
N SER D 132 -3.79 4.98 -19.43
CA SER D 132 -3.47 6.11 -18.55
C SER D 132 -4.60 7.13 -18.55
N VAL D 133 -4.93 7.61 -17.35
CA VAL D 133 -5.91 8.66 -17.13
C VAL D 133 -5.26 9.75 -16.29
N GLY D 134 -5.98 10.84 -16.08
CA GLY D 134 -5.33 11.96 -15.43
C GLY D 134 -6.28 12.98 -14.84
N THR D 135 -5.71 13.90 -14.08
CA THR D 135 -6.44 15.03 -13.52
C THR D 135 -5.78 16.30 -14.04
N ILE D 136 -6.59 17.30 -14.38
CA ILE D 136 -6.10 18.59 -14.87
C ILE D 136 -6.72 19.69 -14.03
N PHE D 137 -5.95 20.73 -13.70
CA PHE D 137 -6.50 21.83 -12.92
C PHE D 137 -5.83 23.13 -13.35
N GLY D 138 -6.56 24.22 -13.20
CA GLY D 138 -6.03 25.57 -13.42
C GLY D 138 -6.56 26.48 -12.33
N ILE D 139 -5.74 27.40 -11.83
CA ILE D 139 -6.07 28.21 -10.65
C ILE D 139 -6.03 29.68 -11.05
N TYR D 140 -7.14 30.37 -10.81
CA TYR D 140 -7.24 31.80 -11.05
C TYR D 140 -7.52 32.53 -9.74
N ARG D 141 -7.15 33.80 -9.70
CA ARG D 141 -7.50 34.68 -8.60
C ARG D 141 -8.78 35.41 -8.94
N LYS D 142 -9.72 35.46 -7.99
CA LYS D 142 -10.97 36.18 -8.24
C LYS D 142 -10.66 37.66 -8.38
N LYS D 143 -11.15 38.27 -9.47
CA LYS D 143 -10.73 39.60 -9.90
C LYS D 143 -11.61 40.73 -9.37
N SER D 144 -12.91 40.52 -9.24
CA SER D 144 -13.81 41.55 -8.73
C SER D 144 -14.27 41.22 -7.32
N THR D 145 -14.89 42.21 -6.69
CA THR D 145 -15.49 42.03 -5.37
C THR D 145 -16.97 41.70 -5.47
N ASP D 146 -17.50 41.53 -6.67
CA ASP D 146 -18.89 41.15 -6.79
C ASP D 146 -19.13 39.82 -6.10
N GLU D 147 -20.40 39.51 -5.88
CA GLU D 147 -20.76 38.22 -5.34
C GLU D 147 -20.23 37.14 -6.28
N PRO D 148 -19.67 36.04 -5.76
CA PRO D 148 -19.08 35.01 -6.63
C PRO D 148 -20.09 34.42 -7.59
N SER D 149 -19.65 34.20 -8.81
CA SER D 149 -20.55 33.66 -9.83
C SER D 149 -19.71 33.01 -10.92
N GLU D 150 -20.42 32.40 -11.88
CA GLU D 150 -19.81 31.77 -13.03
C GLU D 150 -18.91 32.73 -13.81
N LYS D 151 -19.22 34.03 -13.76
CA LYS D 151 -18.42 35.02 -14.48
C LYS D 151 -16.97 35.02 -14.03
N ASP D 152 -16.71 34.74 -12.74
CA ASP D 152 -15.37 34.85 -12.18
C ASP D 152 -14.42 33.83 -12.74
N ALA D 153 -14.93 32.78 -13.36
CA ALA D 153 -14.12 31.79 -14.03
C ALA D 153 -13.92 32.09 -15.51
N LEU D 154 -14.55 33.13 -16.05
CA LEU D 154 -14.40 33.50 -17.47
C LEU D 154 -13.20 34.43 -17.64
N GLN D 155 -12.03 33.88 -17.37
CA GLN D 155 -10.80 34.62 -17.55
C GLN D 155 -9.94 33.97 -18.61
N PRO D 156 -9.13 34.75 -19.34
CA PRO D 156 -8.18 34.14 -20.26
C PRO D 156 -7.10 33.42 -19.48
N GLY D 157 -6.50 32.42 -20.14
CA GLY D 157 -5.45 31.63 -19.52
C GLY D 157 -4.27 32.44 -19.04
N ARG D 158 -4.03 33.60 -19.65
CA ARG D 158 -2.98 34.50 -19.19
C ARG D 158 -3.10 34.86 -17.71
N ASN D 159 -4.29 34.80 -17.13
CA ASN D 159 -4.49 35.16 -15.73
C ASN D 159 -4.26 34.01 -14.77
N LEU D 160 -3.82 32.84 -15.26
CA LEU D 160 -3.57 31.71 -14.39
C LEU D 160 -2.49 32.05 -13.37
N VAL D 161 -2.74 31.66 -12.12
CA VAL D 161 -1.75 31.76 -11.06
C VAL D 161 -0.90 30.50 -11.02
N ALA D 162 -1.48 29.36 -11.39
CA ALA D 162 -0.82 28.05 -11.35
C ALA D 162 -1.69 27.06 -12.10
N ALA D 163 -1.07 25.97 -12.53
CA ALA D 163 -1.78 24.96 -13.26
C ALA D 163 -0.98 23.67 -13.19
N GLY D 164 -1.63 22.57 -13.52
CA GLY D 164 -0.90 21.32 -13.58
C GLY D 164 -1.80 20.15 -13.87
N TYR D 165 -1.19 18.99 -13.84
CA TYR D 165 -1.92 17.77 -14.10
C TYR D 165 -1.27 16.66 -13.30
N ALA D 166 -2.07 15.64 -12.99
CA ALA D 166 -1.58 14.38 -12.45
C ALA D 166 -1.81 13.31 -13.48
N LEU D 167 -0.81 12.48 -13.70
CA LEU D 167 -0.89 11.36 -14.62
C LEU D 167 -0.91 10.07 -13.81
N TYR D 168 -1.96 9.26 -13.97
CA TYR D 168 -2.03 7.95 -13.31
C TYR D 168 -1.69 6.90 -14.37
N GLY D 169 -0.41 6.80 -14.67
CA GLY D 169 0.10 5.85 -15.64
C GLY D 169 0.70 4.64 -14.95
N SER D 170 1.81 4.15 -15.49
CA SER D 170 2.48 3.06 -14.81
C SER D 170 2.93 3.50 -13.42
N ALA D 171 3.20 4.80 -13.26
CA ALA D 171 3.40 5.39 -11.96
C ALA D 171 2.57 6.66 -11.90
N THR D 172 2.41 7.23 -10.71
CA THR D 172 1.65 8.46 -10.55
C THR D 172 2.62 9.64 -10.42
N MET D 173 2.40 10.67 -11.24
CA MET D 173 3.27 11.84 -11.26
C MET D 173 2.42 13.11 -11.26
N LEU D 174 2.84 14.09 -10.47
CA LEU D 174 2.23 15.41 -10.45
C LEU D 174 3.17 16.40 -11.15
N VAL D 175 2.65 17.11 -12.14
CA VAL D 175 3.38 18.16 -12.83
C VAL D 175 2.74 19.48 -12.41
N LEU D 176 3.55 20.38 -11.83
CA LEU D 176 3.07 21.65 -11.30
C LEU D 176 3.82 22.81 -11.95
N ALA D 177 3.07 23.76 -12.50
CA ALA D 177 3.59 24.92 -13.19
C ALA D 177 3.21 26.19 -12.43
N MET D 178 4.20 27.03 -12.19
CA MET D 178 3.99 28.35 -11.62
C MET D 178 4.94 29.31 -12.35
N ASP D 179 4.98 30.57 -11.90
CA ASP D 179 5.93 31.52 -12.49
C ASP D 179 7.36 31.03 -12.38
N CYS D 180 7.70 30.37 -11.28
CA CYS D 180 9.06 29.83 -11.14
C CYS D 180 9.37 28.69 -12.11
N GLY D 181 8.39 28.19 -12.86
CA GLY D 181 8.65 27.12 -13.81
C GLY D 181 7.85 25.85 -13.60
N VAL D 182 8.29 24.76 -14.22
CA VAL D 182 7.58 23.48 -14.20
C VAL D 182 8.40 22.49 -13.40
N ASN D 183 7.76 21.81 -12.45
CA ASN D 183 8.41 20.82 -11.61
C ASN D 183 7.57 19.55 -11.54
N CYS D 184 8.25 18.41 -11.56
CA CYS D 184 7.59 17.10 -11.66
C CYS D 184 7.87 16.29 -10.41
N PHE D 185 6.82 15.77 -9.79
CA PHE D 185 6.91 15.01 -8.54
C PHE D 185 6.36 13.61 -8.75
N MET D 186 7.13 12.60 -8.36
CA MET D 186 6.70 11.21 -8.46
C MET D 186 6.10 10.78 -7.13
N LEU D 187 4.92 10.17 -7.17
CA LEU D 187 4.29 9.70 -5.94
C LEU D 187 4.95 8.40 -5.50
N ASP D 188 5.51 8.41 -4.29
CA ASP D 188 5.97 7.17 -3.69
C ASP D 188 4.79 6.58 -2.93
N PRO D 189 4.13 5.56 -3.47
CA PRO D 189 2.96 5.02 -2.78
C PRO D 189 3.29 4.33 -1.46
N ALA D 190 4.54 3.90 -1.26
CA ALA D 190 4.88 3.25 0.01
C ALA D 190 4.66 4.18 1.20
N ILE D 191 4.89 5.49 1.03
CA ILE D 191 4.82 6.45 2.13
C ILE D 191 3.88 7.61 1.77
N GLY D 192 3.18 7.51 0.65
CA GLY D 192 2.28 8.58 0.27
C GLY D 192 2.90 9.96 0.22
N GLU D 193 4.08 10.08 -0.39
CA GLU D 193 4.74 11.37 -0.56
C GLU D 193 5.02 11.63 -2.03
N PHE D 194 4.84 12.89 -2.43
CA PHE D 194 5.28 13.35 -3.75
C PHE D 194 6.74 13.79 -3.65
N ILE D 195 7.64 13.12 -4.38
CA ILE D 195 9.07 13.42 -4.40
C ILE D 195 9.43 14.18 -5.66
N LEU D 196 10.11 15.33 -5.49
CA LEU D 196 10.59 16.10 -6.64
C LEU D 196 11.67 15.33 -7.37
N VAL D 197 11.44 15.03 -8.64
CA VAL D 197 12.36 14.24 -9.44
C VAL D 197 12.85 14.97 -10.68
N ASP D 198 12.15 16.00 -11.15
CA ASP D 198 12.57 16.76 -12.33
C ASP D 198 12.32 18.23 -12.04
N LYS D 199 13.40 18.98 -11.85
CA LYS D 199 13.32 20.40 -11.50
C LYS D 199 13.40 21.27 -12.75
N ASP D 200 12.53 22.29 -12.81
CA ASP D 200 12.56 23.32 -13.85
C ASP D 200 12.70 22.70 -15.26
N VAL D 201 11.73 21.87 -15.64
CA VAL D 201 11.81 21.12 -16.90
C VAL D 201 11.53 22.03 -18.10
N LYS D 202 12.23 21.75 -19.21
CA LYS D 202 12.05 22.45 -20.47
C LYS D 202 11.91 21.46 -21.61
N ILE D 203 10.97 21.74 -22.51
CA ILE D 203 10.72 20.91 -23.69
C ILE D 203 11.79 21.15 -24.76
N LYS D 204 12.07 20.11 -25.54
CA LYS D 204 12.96 20.20 -26.71
C LYS D 204 12.50 21.28 -27.68
N LYS D 205 13.46 21.97 -28.29
CA LYS D 205 13.15 22.95 -29.32
C LYS D 205 12.41 22.33 -30.51
N LYS D 206 12.72 21.08 -30.84
CA LYS D 206 12.08 20.37 -31.93
C LYS D 206 12.09 18.90 -31.60
N GLY D 207 10.95 18.23 -31.84
CA GLY D 207 10.77 16.84 -31.53
C GLY D 207 10.72 15.98 -32.78
N LYS D 208 10.31 14.73 -32.58
CA LYS D 208 10.28 13.72 -33.63
C LYS D 208 9.02 12.87 -33.57
N ILE D 209 7.96 13.34 -32.93
CA ILE D 209 6.72 12.58 -32.80
C ILE D 209 5.55 13.52 -33.05
N TYR D 210 4.59 13.08 -33.82
CA TYR D 210 3.36 13.84 -33.95
C TYR D 210 2.21 13.02 -33.37
N SER D 211 1.21 13.71 -32.85
CA SER D 211 0.17 13.03 -32.09
C SER D 211 -1.19 13.64 -32.41
N LEU D 212 -2.03 12.86 -33.06
CA LEU D 212 -3.41 13.21 -33.34
C LEU D 212 -4.13 11.95 -33.80
N ASN D 213 -5.46 11.98 -33.72
CA ASN D 213 -6.28 10.87 -34.21
C ASN D 213 -6.37 10.95 -35.74
N GLU D 214 -5.64 10.08 -36.44
CA GLU D 214 -5.67 10.11 -37.90
C GLU D 214 -6.90 9.43 -38.48
N GLY D 215 -7.71 8.75 -37.67
CA GLY D 215 -8.89 8.14 -38.23
C GLY D 215 -9.88 9.13 -38.81
N TYR D 216 -9.81 10.39 -38.37
CA TYR D 216 -10.71 11.42 -38.89
C TYR D 216 -10.10 12.21 -40.04
N ALA D 217 -9.18 11.61 -40.80
CA ALA D 217 -8.50 12.32 -41.88
C ALA D 217 -9.49 12.87 -42.91
N LYS D 218 -10.57 12.14 -43.16
CA LYS D 218 -11.58 12.56 -44.14
C LYS D 218 -12.21 13.90 -43.74
N ASP D 219 -12.14 14.29 -42.48
CA ASP D 219 -12.73 15.52 -41.99
C ASP D 219 -11.71 16.63 -41.74
N PHE D 220 -10.42 16.37 -41.98
CA PHE D 220 -9.37 17.33 -41.64
C PHE D 220 -9.51 18.64 -42.41
N ASP D 221 -9.16 19.72 -41.74
CA ASP D 221 -8.84 20.95 -42.44
C ASP D 221 -7.66 20.70 -43.38
N PRO D 222 -7.63 21.30 -44.58
CA PRO D 222 -6.55 21.03 -45.54
C PRO D 222 -5.15 21.39 -45.05
N ALA D 223 -4.99 22.42 -44.21
CA ALA D 223 -3.66 22.71 -43.66
C ALA D 223 -3.16 21.54 -42.80
N VAL D 224 -4.07 20.91 -42.04
CA VAL D 224 -3.71 19.77 -41.19
C VAL D 224 -3.26 18.60 -42.05
N THR D 225 -4.00 18.32 -43.13
CA THR D 225 -3.62 17.23 -44.02
C THR D 225 -2.21 17.43 -44.60
N GLU D 226 -1.87 18.66 -44.99
CA GLU D 226 -0.54 18.87 -45.58
C GLU D 226 0.55 18.78 -44.52
N TYR D 227 0.29 19.35 -43.33
CA TYR D 227 1.30 19.27 -42.27
C TYR D 227 1.65 17.83 -41.94
N ILE D 228 0.65 16.96 -41.79
CA ILE D 228 0.93 15.58 -41.45
C ILE D 228 1.69 14.88 -42.58
N GLN D 229 1.32 15.18 -43.84
CA GLN D 229 2.01 14.63 -45.01
C GLN D 229 3.49 15.01 -45.03
N ARG D 230 3.83 16.24 -44.66
CA ARG D 230 5.25 16.57 -44.53
C ARG D 230 5.92 15.76 -43.44
N LYS D 231 5.20 15.39 -42.38
CA LYS D 231 5.82 14.60 -41.32
C LYS D 231 6.04 13.15 -41.76
N LYS D 232 5.17 12.59 -42.60
CA LYS D 232 5.34 11.22 -43.09
C LYS D 232 6.19 11.12 -44.34
N PHE D 233 6.18 12.15 -45.19
CA PHE D 233 6.94 12.15 -46.44
C PHE D 233 7.74 13.45 -46.47
N PRO D 234 8.81 13.53 -45.68
CA PRO D 234 9.54 14.79 -45.56
C PRO D 234 10.09 15.19 -46.92
N PRO D 235 9.92 16.45 -47.31
CA PRO D 235 10.37 16.85 -48.65
C PRO D 235 11.87 16.81 -48.81
N ASP D 236 12.62 16.88 -47.72
CA ASP D 236 14.08 16.87 -47.80
C ASP D 236 14.62 15.45 -47.63
N ASN D 237 15.72 15.31 -46.91
CA ASN D 237 16.33 14.02 -46.65
C ASN D 237 16.40 13.73 -45.16
N SER D 238 15.34 14.02 -44.41
CA SER D 238 15.33 13.63 -43.02
C SER D 238 14.35 12.47 -42.78
N ALA D 239 14.35 11.99 -41.54
CA ALA D 239 13.54 10.87 -41.09
C ALA D 239 12.08 11.30 -40.92
N PRO D 240 11.11 10.51 -41.37
CA PRO D 240 9.73 10.77 -40.99
C PRO D 240 9.59 10.69 -39.47
N TYR D 241 8.68 11.49 -38.95
CA TYR D 241 8.33 11.42 -37.53
C TYR D 241 7.66 10.09 -37.19
N GLY D 242 7.80 9.69 -35.91
CA GLY D 242 6.95 8.64 -35.39
C GLY D 242 5.59 9.20 -34.99
N ALA D 243 4.59 8.33 -34.91
CA ALA D 243 3.26 8.73 -34.49
C ALA D 243 2.85 7.99 -33.22
N ARG D 244 2.27 8.73 -32.28
CA ARG D 244 1.71 8.17 -31.07
C ARG D 244 0.39 8.86 -30.79
N TYR D 245 -0.62 8.06 -30.41
CA TYR D 245 -1.89 8.66 -29.99
C TYR D 245 -2.53 7.76 -28.94
N VAL D 246 -2.42 8.15 -27.68
CA VAL D 246 -3.01 7.38 -26.60
C VAL D 246 -4.51 7.61 -26.50
N GLY D 247 -5.00 8.81 -26.80
CA GLY D 247 -6.40 9.10 -26.62
C GLY D 247 -6.75 9.73 -25.30
N SER D 248 -5.80 9.81 -24.38
CA SER D 248 -5.93 10.55 -23.14
C SER D 248 -5.04 11.78 -23.24
N MET D 249 -5.63 12.96 -23.02
CA MET D 249 -4.90 14.19 -23.24
C MET D 249 -3.68 14.29 -22.31
N VAL D 250 -3.85 13.93 -21.03
CA VAL D 250 -2.76 14.08 -20.07
C VAL D 250 -1.55 13.26 -20.51
N ALA D 251 -1.79 12.04 -20.97
CA ALA D 251 -0.68 11.18 -21.36
C ALA D 251 -0.01 11.71 -22.65
N ASP D 252 -0.81 12.08 -23.66
CA ASP D 252 -0.21 12.60 -24.89
C ASP D 252 0.54 13.91 -24.64
N VAL D 253 0.04 14.74 -23.73
CA VAL D 253 0.73 15.99 -23.46
C VAL D 253 1.99 15.76 -22.64
N HIS D 254 1.95 14.82 -21.69
CA HIS D 254 3.14 14.54 -20.88
C HIS D 254 4.27 13.98 -21.75
N ARG D 255 3.96 13.05 -22.65
CA ARG D 255 4.95 12.54 -23.58
C ARG D 255 5.52 13.65 -24.46
N THR D 256 4.67 14.58 -24.91
CA THR D 256 5.17 15.70 -25.70
C THR D 256 6.11 16.55 -24.86
N LEU D 257 5.77 16.72 -23.59
CA LEU D 257 6.63 17.47 -22.68
C LEU D 257 7.98 16.79 -22.50
N VAL D 258 7.99 15.46 -22.37
CA VAL D 258 9.21 14.73 -22.05
C VAL D 258 10.05 14.48 -23.30
N TYR D 259 9.42 14.09 -24.42
CA TYR D 259 10.19 13.72 -25.60
C TYR D 259 10.26 14.82 -26.63
N GLY D 260 9.45 15.87 -26.50
CA GLY D 260 9.31 16.82 -27.57
C GLY D 260 8.33 16.31 -28.60
N GLY D 261 8.06 17.16 -29.56
CA GLY D 261 7.12 16.84 -30.62
C GLY D 261 5.94 17.79 -30.58
N ILE D 262 4.82 17.33 -31.11
CA ILE D 262 3.66 18.18 -31.32
C ILE D 262 2.41 17.35 -31.08
N PHE D 263 1.43 17.96 -30.42
CA PHE D 263 0.12 17.38 -30.18
C PHE D 263 -0.93 18.25 -30.83
N LEU D 264 -1.85 17.62 -31.57
CA LEU D 264 -2.86 18.37 -32.31
C LEU D 264 -4.26 17.84 -31.98
N TYR D 265 -5.17 18.76 -31.64
CA TYR D 265 -6.61 18.50 -31.72
C TYR D 265 -7.18 19.72 -32.44
N PRO D 266 -7.02 19.79 -33.75
CA PRO D 266 -7.31 21.04 -34.47
C PRO D 266 -8.77 21.17 -34.85
N ALA D 267 -9.13 22.40 -35.20
CA ALA D 267 -10.45 22.72 -35.71
C ALA D 267 -10.65 22.13 -37.12
N ASN D 268 -11.89 21.75 -37.43
CA ASN D 268 -12.24 21.36 -38.80
C ASN D 268 -13.63 21.95 -39.13
N LYS D 269 -14.19 21.56 -40.29
CA LYS D 269 -15.42 22.18 -40.76
C LYS D 269 -16.66 21.69 -39.98
N LYS D 270 -16.65 20.46 -39.47
CA LYS D 270 -17.72 20.00 -38.58
C LYS D 270 -17.52 20.47 -37.14
N SER D 271 -16.32 20.86 -36.74
CA SER D 271 -16.01 21.25 -35.36
C SER D 271 -15.13 22.48 -35.42
N PRO D 272 -15.73 23.64 -35.73
CA PRO D 272 -14.91 24.82 -35.98
C PRO D 272 -14.22 25.33 -34.73
N ASN D 273 -14.63 24.88 -33.54
CA ASN D 273 -13.93 25.28 -32.34
C ASN D 273 -13.17 24.12 -31.71
N GLY D 274 -12.91 23.04 -32.46
CA GLY D 274 -12.22 21.93 -31.84
C GLY D 274 -13.18 21.12 -30.99
N LYS D 275 -12.62 20.17 -30.26
CA LYS D 275 -13.39 19.28 -29.41
C LYS D 275 -13.08 19.44 -27.92
N LEU D 276 -11.83 19.75 -27.55
CA LEU D 276 -11.39 19.84 -26.16
C LEU D 276 -11.89 21.14 -25.52
N ARG D 277 -12.00 21.12 -24.19
CA ARG D 277 -12.56 22.25 -23.44
C ARG D 277 -11.51 23.25 -22.99
N LEU D 278 -11.83 24.54 -23.12
CA LEU D 278 -10.85 25.61 -22.92
C LEU D 278 -10.48 25.81 -21.45
N LEU D 279 -11.45 25.78 -20.54
CA LEU D 279 -11.15 26.23 -19.18
C LEU D 279 -10.32 25.22 -18.40
N TYR D 280 -10.63 23.93 -18.53
CA TYR D 280 -10.03 22.90 -17.70
C TYR D 280 -9.27 21.85 -18.48
N GLU D 281 -9.00 22.08 -19.77
CA GLU D 281 -8.09 21.22 -20.51
C GLU D 281 -7.05 22.06 -21.25
N CYS D 282 -7.51 22.94 -22.14
CA CYS D 282 -6.58 23.66 -23.00
C CYS D 282 -5.72 24.66 -22.22
N ASN D 283 -6.35 25.55 -21.45
CA ASN D 283 -5.60 26.57 -20.71
C ASN D 283 -4.57 25.98 -19.75
N PRO D 284 -4.89 25.01 -18.87
CA PRO D 284 -3.83 24.50 -17.98
C PRO D 284 -2.69 23.87 -18.74
N MET D 285 -3.01 23.05 -19.75
CA MET D 285 -1.96 22.44 -20.57
C MET D 285 -1.16 23.48 -21.33
N ALA D 286 -1.81 24.56 -21.79
CA ALA D 286 -1.06 25.57 -22.51
C ALA D 286 -0.15 26.32 -21.56
N TYR D 287 -0.64 26.57 -20.35
CA TYR D 287 0.17 27.23 -19.35
C TYR D 287 1.41 26.41 -19.01
N VAL D 288 1.26 25.08 -18.89
CA VAL D 288 2.41 24.23 -18.61
C VAL D 288 3.41 24.30 -19.76
N MET D 289 2.91 24.20 -21.00
CA MET D 289 3.77 24.28 -22.18
C MET D 289 4.56 25.58 -22.19
N GLU D 290 3.89 26.71 -21.98
CA GLU D 290 4.59 27.97 -22.09
C GLU D 290 5.62 28.13 -20.98
N LYS D 291 5.28 27.73 -19.75
CA LYS D 291 6.30 27.80 -18.71
C LYS D 291 7.46 26.83 -18.98
N ALA D 292 7.23 25.79 -19.75
CA ALA D 292 8.31 24.89 -20.14
C ALA D 292 8.98 25.34 -21.43
N GLY D 293 8.67 26.53 -21.94
CA GLY D 293 9.29 26.98 -23.17
C GLY D 293 8.70 26.38 -24.42
N GLY D 294 7.50 25.82 -24.34
CA GLY D 294 6.80 25.34 -25.50
C GLY D 294 5.81 26.38 -25.99
N MET D 295 4.96 25.96 -26.93
CA MET D 295 4.00 26.83 -27.58
C MET D 295 2.66 26.14 -27.62
N ALA D 296 1.59 26.93 -27.68
CA ALA D 296 0.25 26.38 -27.73
C ALA D 296 -0.66 27.36 -28.45
N THR D 297 -1.17 26.97 -29.63
CA THR D 297 -1.95 27.85 -30.50
C THR D 297 -3.29 27.22 -30.86
N THR D 298 -4.28 28.07 -31.13
CA THR D 298 -5.51 27.59 -31.73
C THR D 298 -5.41 27.49 -33.24
N GLY D 299 -4.33 27.99 -33.84
CA GLY D 299 -4.26 28.18 -35.28
C GLY D 299 -4.32 29.66 -35.58
N LYS D 300 -5.23 30.34 -34.89
CA LYS D 300 -5.44 31.77 -35.06
C LYS D 300 -4.78 32.61 -33.98
N GLU D 301 -4.62 32.10 -32.76
CA GLU D 301 -4.04 32.88 -31.67
C GLU D 301 -3.54 31.91 -30.60
N ALA D 302 -2.78 32.47 -29.65
CA ALA D 302 -2.37 31.70 -28.49
C ALA D 302 -3.58 31.25 -27.68
N VAL D 303 -3.53 30.01 -27.21
CA VAL D 303 -4.62 29.49 -26.38
C VAL D 303 -4.83 30.37 -25.17
N LEU D 304 -3.73 30.81 -24.55
CA LEU D 304 -3.81 31.58 -23.32
C LEU D 304 -4.41 32.96 -23.53
N ASP D 305 -4.58 33.41 -24.78
CA ASP D 305 -5.18 34.73 -25.05
C ASP D 305 -6.67 34.68 -25.35
N VAL D 306 -7.25 33.50 -25.59
CA VAL D 306 -8.68 33.41 -25.85
C VAL D 306 -9.46 33.85 -24.62
N ILE D 307 -10.39 34.79 -24.80
CA ILE D 307 -11.26 35.22 -23.72
C ILE D 307 -12.54 34.41 -23.78
N PRO D 308 -12.81 33.54 -22.81
CA PRO D 308 -14.01 32.69 -22.89
C PRO D 308 -15.29 33.42 -22.51
N THR D 309 -16.39 32.94 -23.13
CA THR D 309 -17.73 33.42 -22.84
C THR D 309 -18.64 32.36 -22.23
N ASP D 310 -18.25 31.09 -22.28
CA ASP D 310 -18.99 30.00 -21.65
C ASP D 310 -17.99 29.04 -21.02
N ILE D 311 -18.30 28.59 -19.79
CA ILE D 311 -17.35 27.79 -19.00
C ILE D 311 -17.05 26.45 -19.64
N HIS D 312 -17.91 25.97 -20.55
CA HIS D 312 -17.70 24.70 -21.23
C HIS D 312 -17.36 24.86 -22.70
N GLN D 313 -16.88 26.04 -23.11
CA GLN D 313 -16.60 26.23 -24.54
C GLN D 313 -15.34 25.48 -24.96
N ARG D 314 -15.33 25.06 -26.22
CA ARG D 314 -14.24 24.28 -26.76
C ARG D 314 -13.20 25.19 -27.42
N ALA D 315 -12.03 24.61 -27.68
CA ALA D 315 -10.97 25.36 -28.34
C ALA D 315 -10.14 24.37 -29.13
N PRO D 316 -9.69 24.74 -30.33
CA PRO D 316 -8.69 23.92 -31.02
C PRO D 316 -7.35 24.18 -30.36
N VAL D 317 -6.53 23.15 -30.29
CA VAL D 317 -5.24 23.30 -29.63
C VAL D 317 -4.20 22.50 -30.39
N ILE D 318 -3.11 23.17 -30.73
CA ILE D 318 -1.89 22.59 -31.26
C ILE D 318 -0.81 23.04 -30.29
N LEU D 319 -0.07 22.10 -29.71
CA LEU D 319 0.92 22.47 -28.70
C LEU D 319 2.13 21.54 -28.76
N GLY D 320 3.24 22.04 -28.21
CA GLY D 320 4.46 21.26 -28.15
C GLY D 320 5.72 22.06 -28.41
N SER D 321 6.71 21.41 -29.01
CA SER D 321 7.99 22.03 -29.32
C SER D 321 7.79 23.27 -30.19
N PRO D 322 8.50 24.35 -29.91
CA PRO D 322 8.24 25.60 -30.65
C PRO D 322 8.57 25.53 -32.14
N ASP D 323 9.59 24.80 -32.54
CA ASP D 323 9.88 24.68 -33.96
C ASP D 323 8.75 23.96 -34.69
N ASP D 324 8.20 22.92 -34.07
CA ASP D 324 7.12 22.17 -34.69
C ASP D 324 5.84 23.00 -34.73
N VAL D 325 5.57 23.75 -33.67
CA VAL D 325 4.36 24.58 -33.71
C VAL D 325 4.50 25.70 -34.74
N LEU D 326 5.68 26.33 -34.80
CA LEU D 326 5.92 27.37 -35.80
C LEU D 326 5.84 26.82 -37.23
N GLU D 327 6.36 25.62 -37.46
CA GLU D 327 6.19 24.99 -38.77
C GLU D 327 4.71 24.74 -39.07
N PHE D 328 3.94 24.38 -38.04
CA PHE D 328 2.52 24.16 -38.26
C PHE D 328 1.81 25.46 -38.64
N LEU D 329 2.11 26.56 -37.95
CA LEU D 329 1.50 27.84 -38.26
C LEU D 329 1.87 28.33 -39.65
N LYS D 330 3.04 27.93 -40.15
CA LYS D 330 3.47 28.27 -41.50
C LYS D 330 2.60 27.61 -42.55
N VAL D 331 2.27 26.32 -42.36
CA VAL D 331 1.34 25.65 -43.26
C VAL D 331 -0.07 26.21 -43.09
N TYR D 332 -0.45 26.52 -41.86
CA TYR D 332 -1.80 27.01 -41.60
C TYR D 332 -2.04 28.36 -42.29
N GLU D 333 -1.02 29.22 -42.33
CA GLU D 333 -1.15 30.50 -43.03
C GLU D 333 -1.18 30.30 -44.54
N LYS D 334 -0.39 29.37 -45.06
CA LYS D 334 -0.44 29.04 -46.47
C LYS D 334 -1.83 28.63 -46.92
N HIS D 335 -2.64 28.01 -46.05
CA HIS D 335 -4.00 27.65 -46.44
C HIS D 335 -5.05 28.62 -45.94
N SER D 336 -4.68 29.84 -45.58
CA SER D 336 -5.68 30.68 -44.93
C SER D 336 -6.13 31.88 -45.75
#